data_5UEN
#
_entry.id   5UEN
#
_cell.length_a   96.492
_cell.length_b   112.960
_cell.length_c   124.171
_cell.angle_alpha   90.000
_cell.angle_beta   90.000
_cell.angle_gamma   90.000
#
_symmetry.space_group_name_H-M   'P 2 21 21'
#
loop_
_entity.id
_entity.type
_entity.pdbx_description
1 polymer 'Adenosine receptor A1,Soluble cytochrome b562,Adenosine receptor A1'
2 non-polymer '4-{[3-(8-cyclohexyl-2,6-dioxo-1-propyl-1,2,6,7-tetrahydro-3H-purin-3-yl)propyl]carbamoyl}benzene-1-sulfonyl fluoride'
3 non-polymer 'OLEIC ACID'
#
_entity_poly.entity_id   1
_entity_poly.type   'polypeptide(L)'
_entity_poly.pdbx_seq_one_letter_code
;GPPPSISAFQAAYIGIEVLIALVSVPGNVLVIWAVKVNQALRDATFCFIVSLAVADVAVGALVIPLAILINIGPQTYFHT
CLMVACPVLILTQSSILALLAIAVDRYLRVKIPLRYKMVVTPRRAAVAIAGCWILSFVVGLTPMFGWNNLSAVERAWAAA
GSMGEPVIKCEFEKVISMEYMVYFNFFVWVLPPLLLMVLIYLEVFYLIRKQLADLEDNWETLNDNLKVIEKADNAAQVKD
ALTKMRAAALDAQKATPPKLEDKSPDSPEMKDFRHGFDILVGQIDDALKLANEGKVKEAQAAAEQLKTTRNAYIQKYLER
ARSTLQKELKIAKSLALILFLFALSWLPLHILNCITLFCPSCHKPSILTYIAIFLTHGNSAMNPIVYAFRIQKFRVTFLK
IWNDHFRCQPLEVLFQ
;
_entity_poly.pdbx_strand_id   A,B
#
loop_
_chem_comp.id
_chem_comp.type
_chem_comp.name
_chem_comp.formula
DU1 non-polymer '4-{[3-(8-cyclohexyl-2,6-dioxo-1-propyl-1,2,6,7-tetrahydro-3H-purin-3-yl)propyl]carbamoyl}benzene-1-sulfonyl fluoride' 'C24 H30 F N5 O5 S'
OLA non-polymer 'OLEIC ACID' 'C18 H34 O2'
#
# COMPACT_ATOMS: atom_id res chain seq x y z
N SER A 5 27.32 -4.93 -33.35
CA SER A 5 26.88 -6.22 -33.98
C SER A 5 25.47 -6.63 -33.52
N ILE A 6 24.56 -5.67 -33.51
CA ILE A 6 23.13 -5.91 -33.19
C ILE A 6 22.28 -5.60 -34.42
N SER A 7 21.30 -6.47 -34.67
CA SER A 7 20.48 -6.43 -35.88
C SER A 7 19.38 -5.38 -35.78
N ALA A 8 19.10 -4.71 -36.90
CA ALA A 8 18.03 -3.69 -37.00
C ALA A 8 16.66 -4.22 -36.56
N PHE A 9 16.41 -5.49 -36.88
CA PHE A 9 15.22 -6.20 -36.40
C PHE A 9 15.21 -6.32 -34.87
N GLN A 10 16.33 -6.70 -34.30
CA GLN A 10 16.48 -6.79 -32.84
C GLN A 10 16.29 -5.43 -32.17
N ALA A 11 16.92 -4.41 -32.76
CA ALA A 11 16.72 -3.03 -32.34
C ALA A 11 15.25 -2.61 -32.44
N ALA A 12 14.58 -3.01 -33.52
CA ALA A 12 13.13 -2.75 -33.68
C ALA A 12 12.28 -3.45 -32.62
N TYR A 13 12.56 -4.73 -32.37
CA TYR A 13 11.92 -5.48 -31.29
C TYR A 13 12.11 -4.77 -29.95
N ILE A 14 13.38 -4.51 -29.61
CA ILE A 14 13.74 -3.83 -28.36
C ILE A 14 13.04 -2.46 -28.25
N GLY A 15 13.04 -1.70 -29.35
CA GLY A 15 12.39 -0.39 -29.41
C GLY A 15 10.88 -0.45 -29.23
N ILE A 16 10.23 -1.37 -29.93
CA ILE A 16 8.79 -1.57 -29.81
C ILE A 16 8.42 -2.03 -28.39
N GLU A 17 9.18 -2.99 -27.86
CA GLU A 17 9.00 -3.44 -26.46
C GLU A 17 9.15 -2.28 -25.48
N VAL A 18 10.26 -1.55 -25.61
CA VAL A 18 10.52 -0.36 -24.79
C VAL A 18 9.40 0.67 -24.90
N LEU A 19 8.88 0.89 -26.11
CA LEU A 19 7.79 1.84 -26.34
C LEU A 19 6.49 1.37 -25.68
N ILE A 20 6.15 0.10 -25.91
CA ILE A 20 4.97 -0.52 -25.26
C ILE A 20 5.07 -0.40 -23.73
N ALA A 21 6.23 -0.75 -23.18
CA ALA A 21 6.48 -0.58 -21.75
C ALA A 21 6.36 0.88 -21.30
N LEU A 22 6.93 1.80 -22.09
CA LEU A 22 6.87 3.24 -21.82
C LEU A 22 5.45 3.83 -21.88
N VAL A 23 4.58 3.24 -22.70
CA VAL A 23 3.15 3.63 -22.69
C VAL A 23 2.38 2.91 -21.55
N SER A 24 2.73 1.65 -21.28
CA SER A 24 2.03 0.83 -20.28
C SER A 24 2.16 1.31 -18.84
N VAL A 25 3.40 1.48 -18.37
CA VAL A 25 3.68 1.75 -16.94
C VAL A 25 3.04 3.07 -16.44
N PRO A 26 3.27 4.19 -17.14
CA PRO A 26 2.68 5.45 -16.68
C PRO A 26 1.14 5.45 -16.67
N GLY A 27 0.52 4.90 -17.72
CA GLY A 27 -0.93 4.83 -17.83
C GLY A 27 -1.60 4.13 -16.67
N ASN A 28 -1.10 2.95 -16.34
CA ASN A 28 -1.67 2.15 -15.24
C ASN A 28 -1.34 2.72 -13.87
N VAL A 29 -0.14 3.28 -13.70
CA VAL A 29 0.19 4.06 -12.50
C VAL A 29 -0.81 5.22 -12.35
N LEU A 30 -1.11 5.89 -13.46
CA LEU A 30 -2.09 6.97 -13.48
C LEU A 30 -3.52 6.47 -13.18
N VAL A 31 -3.86 5.28 -13.68
CA VAL A 31 -5.13 4.62 -13.32
C VAL A 31 -5.21 4.33 -11.82
N ILE A 32 -4.14 3.76 -11.27
CA ILE A 32 -4.10 3.44 -9.82
C ILE A 32 -4.15 4.73 -8.99
N TRP A 33 -3.42 5.75 -9.44
CA TRP A 33 -3.47 7.10 -8.86
C TRP A 33 -4.91 7.64 -8.86
N ALA A 34 -5.53 7.63 -10.03
CA ALA A 34 -6.87 8.18 -10.24
C ALA A 34 -7.93 7.63 -9.29
N VAL A 35 -7.87 6.33 -9.00
CA VAL A 35 -8.82 5.70 -8.07
C VAL A 35 -8.53 6.11 -6.63
N LYS A 36 -7.25 6.21 -6.26
CA LYS A 36 -6.88 6.53 -4.87
C LYS A 36 -7.32 7.94 -4.47
N VAL A 37 -7.06 8.92 -5.34
CA VAL A 37 -7.43 10.32 -5.07
C VAL A 37 -8.94 10.59 -5.14
N ASN A 38 -9.62 10.00 -6.13
CA ASN A 38 -11.04 10.28 -6.39
C ASN A 38 -11.96 9.36 -5.57
N GLN A 39 -12.77 9.96 -4.70
CA GLN A 39 -13.74 9.20 -3.89
C GLN A 39 -14.97 8.73 -4.70
N ALA A 40 -15.26 9.39 -5.83
CA ALA A 40 -16.32 8.95 -6.75
C ALA A 40 -16.02 7.60 -7.43
N LEU A 41 -14.74 7.21 -7.45
CA LEU A 41 -14.31 5.89 -7.93
C LEU A 41 -14.03 4.91 -6.77
N ARG A 42 -14.75 5.02 -5.66
CA ARG A 42 -14.53 4.15 -4.50
C ARG A 42 -15.58 3.03 -4.49
N ASP A 43 -15.62 2.29 -5.60
CA ASP A 43 -16.64 1.29 -5.88
C ASP A 43 -15.97 -0.02 -6.24
N ALA A 44 -16.71 -1.12 -6.09
CA ALA A 44 -16.20 -2.48 -6.30
C ALA A 44 -15.53 -2.63 -7.66
N THR A 45 -16.22 -2.17 -8.72
CA THR A 45 -15.70 -2.22 -10.09
C THR A 45 -14.30 -1.63 -10.20
N PHE A 46 -14.10 -0.46 -9.61
CA PHE A 46 -12.84 0.25 -9.70
C PHE A 46 -11.74 -0.43 -8.89
N CYS A 47 -12.09 -0.93 -7.70
CA CYS A 47 -11.17 -1.75 -6.89
C CYS A 47 -10.59 -2.96 -7.65
N PHE A 48 -11.36 -3.53 -8.57
CA PHE A 48 -10.86 -4.57 -9.48
C PHE A 48 -10.03 -3.96 -10.61
N ILE A 49 -10.40 -2.77 -11.06
CA ILE A 49 -9.61 -2.04 -12.09
C ILE A 49 -8.21 -1.66 -11.58
N VAL A 50 -8.10 -1.38 -10.28
CA VAL A 50 -6.80 -1.16 -9.63
C VAL A 50 -5.97 -2.45 -9.69
N SER A 51 -6.57 -3.56 -9.29
CA SER A 51 -5.91 -4.88 -9.34
C SER A 51 -5.48 -5.23 -10.76
N LEU A 52 -6.37 -4.98 -11.71
CA LEU A 52 -6.08 -5.18 -13.14
C LEU A 52 -4.96 -4.26 -13.63
N ALA A 53 -4.95 -3.01 -13.16
CA ALA A 53 -3.89 -2.05 -13.49
C ALA A 53 -2.54 -2.48 -12.94
N VAL A 54 -2.53 -2.88 -11.66
CA VAL A 54 -1.33 -3.41 -10.98
C VAL A 54 -0.65 -4.53 -11.79
N ALA A 55 -1.47 -5.47 -12.26
CA ALA A 55 -1.01 -6.55 -13.14
C ALA A 55 -0.35 -6.02 -14.42
N ASP A 56 -0.96 -5.00 -15.04
CA ASP A 56 -0.42 -4.39 -16.25
C ASP A 56 0.87 -3.59 -15.99
N VAL A 57 0.95 -2.90 -14.85
CA VAL A 57 2.20 -2.22 -14.43
C VAL A 57 3.33 -3.25 -14.32
N ALA A 58 3.02 -4.40 -13.73
CA ALA A 58 3.98 -5.49 -13.59
C ALA A 58 4.49 -6.05 -14.93
N VAL A 59 3.63 -6.06 -15.95
CA VAL A 59 4.04 -6.53 -17.30
C VAL A 59 5.11 -5.58 -17.87
N GLY A 60 4.75 -4.30 -17.92
CA GLY A 60 5.63 -3.24 -18.43
C GLY A 60 6.90 -3.01 -17.62
N ALA A 61 6.80 -3.15 -16.29
CA ALA A 61 7.95 -2.95 -15.39
C ALA A 61 8.82 -4.19 -15.17
N LEU A 62 8.23 -5.40 -15.26
CA LEU A 62 8.97 -6.66 -15.05
C LEU A 62 9.04 -7.57 -16.28
N VAL A 63 7.89 -7.84 -16.91
CA VAL A 63 7.83 -8.84 -18.00
C VAL A 63 8.59 -8.38 -19.24
N ILE A 64 8.36 -7.13 -19.65
CA ILE A 64 9.00 -6.61 -20.87
C ILE A 64 10.53 -6.44 -20.76
N PRO A 65 11.03 -5.90 -19.62
CA PRO A 65 12.48 -5.88 -19.35
C PRO A 65 13.14 -7.27 -19.36
N LEU A 66 12.53 -8.25 -18.69
CA LEU A 66 13.02 -9.63 -18.69
C LEU A 66 13.16 -10.19 -20.11
N ALA A 67 12.16 -9.92 -20.95
CA ALA A 67 12.17 -10.35 -22.35
C ALA A 67 13.32 -9.73 -23.12
N ILE A 68 13.53 -8.44 -22.93
CA ILE A 68 14.66 -7.73 -23.55
C ILE A 68 16.00 -8.29 -23.06
N LEU A 69 16.14 -8.41 -21.74
CA LEU A 69 17.35 -8.98 -21.14
C LEU A 69 17.64 -10.39 -21.62
N ILE A 70 16.62 -11.23 -21.71
CA ILE A 70 16.76 -12.58 -22.28
C ILE A 70 17.11 -12.53 -23.78
N ASN A 71 16.50 -11.58 -24.51
CA ASN A 71 16.76 -11.42 -25.94
C ASN A 71 18.21 -11.02 -26.21
N ILE A 72 18.67 -9.96 -25.54
CA ILE A 72 20.07 -9.50 -25.70
C ILE A 72 21.10 -10.37 -24.98
N GLY A 73 20.68 -11.12 -23.96
CA GLY A 73 21.58 -11.90 -23.11
C GLY A 73 22.09 -13.20 -23.71
N PRO A 74 22.86 -13.99 -22.93
CA PRO A 74 23.42 -15.25 -23.37
C PRO A 74 22.48 -16.44 -23.16
N GLN A 75 22.99 -17.65 -23.40
CA GLN A 75 22.30 -18.87 -22.99
C GLN A 75 22.21 -18.92 -21.46
N THR A 76 21.19 -19.61 -20.97
CA THR A 76 20.94 -19.68 -19.52
C THR A 76 20.73 -21.12 -19.07
N TYR A 77 20.84 -21.34 -17.76
CA TYR A 77 20.43 -22.60 -17.15
C TYR A 77 18.94 -22.84 -17.44
N PHE A 78 18.51 -24.10 -17.38
CA PHE A 78 17.07 -24.39 -17.49
C PHE A 78 16.22 -23.64 -16.44
N HIS A 79 16.67 -23.66 -15.19
CA HIS A 79 15.94 -23.04 -14.06
C HIS A 79 15.76 -21.54 -14.24
N THR A 80 16.80 -20.86 -14.74
CA THR A 80 16.78 -19.42 -14.97
C THR A 80 15.70 -19.04 -15.98
N CYS A 81 15.68 -19.77 -17.09
CA CYS A 81 14.69 -19.56 -18.15
C CYS A 81 13.31 -19.96 -17.66
N LEU A 82 13.21 -21.06 -16.92
CA LEU A 82 11.93 -21.47 -16.33
C LEU A 82 11.36 -20.40 -15.38
N MET A 83 12.21 -19.84 -14.52
CA MET A 83 11.78 -18.77 -13.58
C MET A 83 11.29 -17.51 -14.27
N VAL A 84 12.02 -17.09 -15.31
CA VAL A 84 11.70 -15.88 -16.07
C VAL A 84 10.39 -16.02 -16.88
N ALA A 85 10.06 -17.25 -17.28
CA ALA A 85 8.83 -17.51 -18.02
C ALA A 85 7.53 -17.34 -17.23
N CYS A 86 7.58 -17.44 -15.90
CA CYS A 86 6.35 -17.53 -15.06
C CYS A 86 5.58 -16.22 -14.72
N PRO A 87 6.29 -15.10 -14.43
CA PRO A 87 5.59 -13.85 -14.08
C PRO A 87 4.45 -13.46 -15.01
N VAL A 88 4.69 -13.55 -16.32
CA VAL A 88 3.67 -13.29 -17.32
C VAL A 88 2.46 -14.23 -17.19
N LEU A 89 2.71 -15.50 -16.85
CA LEU A 89 1.65 -16.49 -16.62
C LEU A 89 0.78 -16.11 -15.42
N ILE A 90 1.44 -15.67 -14.35
CA ILE A 90 0.73 -15.18 -13.15
C ILE A 90 -0.10 -13.95 -13.52
N LEU A 91 0.60 -12.96 -14.09
CA LEU A 91 0.00 -11.65 -14.33
C LEU A 91 -1.17 -11.73 -15.32
N THR A 92 -0.98 -12.49 -16.40
CA THR A 92 -2.05 -12.72 -17.38
C THR A 92 -3.25 -13.41 -16.73
N GLN A 93 -3.00 -14.41 -15.87
CA GLN A 93 -4.09 -15.07 -15.16
C GLN A 93 -4.82 -14.13 -14.21
N SER A 94 -4.07 -13.28 -13.49
CA SER A 94 -4.69 -12.26 -12.63
C SER A 94 -5.68 -11.38 -13.41
N SER A 95 -5.28 -10.94 -14.60
CA SER A 95 -6.13 -10.09 -15.44
C SER A 95 -7.51 -10.70 -15.72
N ILE A 96 -7.50 -12.00 -16.08
CA ILE A 96 -8.72 -12.71 -16.47
C ILE A 96 -9.69 -12.75 -15.28
N LEU A 97 -9.16 -13.16 -14.13
CA LEU A 97 -9.96 -13.26 -12.90
C LEU A 97 -10.45 -11.88 -12.41
N ALA A 98 -9.56 -10.89 -12.52
CA ALA A 98 -9.93 -9.48 -12.26
C ALA A 98 -11.08 -9.02 -13.16
N LEU A 99 -11.01 -9.34 -14.45
CA LEU A 99 -12.10 -9.03 -15.39
C LEU A 99 -13.40 -9.79 -15.06
N LEU A 100 -13.26 -11.08 -14.75
CA LEU A 100 -14.41 -11.89 -14.32
C LEU A 100 -15.09 -11.31 -13.07
N ALA A 101 -14.28 -10.86 -12.10
CA ALA A 101 -14.82 -10.14 -10.92
C ALA A 101 -15.65 -8.91 -11.33
N ILE A 102 -15.08 -8.11 -12.25
CA ILE A 102 -15.77 -6.92 -12.79
C ILE A 102 -17.08 -7.31 -13.46
N ALA A 103 -17.06 -8.35 -14.29
CA ALA A 103 -18.29 -8.84 -14.95
C ALA A 103 -19.40 -9.23 -13.96
N VAL A 104 -19.05 -10.05 -12.96
CA VAL A 104 -20.03 -10.45 -11.93
C VAL A 104 -20.47 -9.27 -11.06
N ASP A 105 -19.56 -8.32 -10.79
CA ASP A 105 -19.95 -7.08 -10.10
C ASP A 105 -20.95 -6.27 -10.93
N ARG A 106 -20.67 -6.11 -12.22
CA ARG A 106 -21.61 -5.48 -13.15
C ARG A 106 -22.96 -6.22 -13.22
N TYR A 107 -22.91 -7.55 -13.21
CA TYR A 107 -24.14 -8.37 -13.13
C TYR A 107 -24.94 -8.10 -11.86
N LEU A 108 -24.28 -8.26 -10.71
CA LEU A 108 -24.96 -8.12 -9.40
C LEU A 108 -25.69 -6.79 -9.19
N ARG A 109 -25.09 -5.69 -9.66
CA ARG A 109 -25.69 -4.35 -9.51
C ARG A 109 -27.07 -4.28 -10.13
N VAL A 110 -27.14 -4.63 -11.42
CA VAL A 110 -28.40 -4.65 -12.17
C VAL A 110 -29.32 -5.81 -11.76
N LYS A 111 -28.74 -6.95 -11.34
CA LYS A 111 -29.54 -8.12 -10.97
C LYS A 111 -30.21 -7.98 -9.60
N ILE A 112 -29.47 -7.52 -8.59
CA ILE A 112 -29.99 -7.39 -7.21
C ILE A 112 -29.69 -5.99 -6.64
N PRO A 113 -30.29 -4.94 -7.24
CA PRO A 113 -29.99 -3.56 -6.82
C PRO A 113 -30.39 -3.22 -5.37
N LEU A 114 -31.46 -3.82 -4.87
CA LEU A 114 -31.92 -3.56 -3.49
C LEU A 114 -30.96 -4.12 -2.44
N ARG A 115 -30.48 -5.35 -2.67
CA ARG A 115 -29.55 -6.03 -1.75
C ARG A 115 -28.05 -5.87 -2.11
N TYR A 116 -27.75 -5.16 -3.21
CA TYR A 116 -26.37 -5.01 -3.70
C TYR A 116 -25.40 -4.53 -2.61
N LYS A 117 -25.73 -3.42 -1.96
CA LYS A 117 -24.83 -2.81 -0.97
C LYS A 117 -24.58 -3.70 0.25
N MET A 118 -25.59 -4.43 0.70
CA MET A 118 -25.41 -5.41 1.78
C MET A 118 -24.69 -6.68 1.31
N VAL A 119 -24.87 -7.07 0.04
CA VAL A 119 -24.16 -8.24 -0.51
C VAL A 119 -22.68 -7.95 -0.79
N VAL A 120 -22.40 -7.04 -1.73
CA VAL A 120 -21.03 -6.75 -2.19
C VAL A 120 -20.38 -5.67 -1.32
N THR A 121 -19.64 -6.12 -0.30
CA THR A 121 -18.98 -5.22 0.65
C THR A 121 -17.48 -5.12 0.39
N PRO A 122 -16.84 -4.01 0.81
CA PRO A 122 -15.40 -3.79 0.64
C PRO A 122 -14.53 -4.99 1.04
N ARG A 123 -14.80 -5.55 2.21
CA ARG A 123 -14.05 -6.72 2.71
C ARG A 123 -14.19 -7.94 1.79
N ARG A 124 -15.42 -8.18 1.34
CA ARG A 124 -15.69 -9.28 0.40
C ARG A 124 -15.02 -9.04 -0.95
N ALA A 125 -15.07 -7.79 -1.43
CA ALA A 125 -14.34 -7.41 -2.64
C ALA A 125 -12.83 -7.61 -2.47
N ALA A 126 -12.30 -7.25 -1.31
CA ALA A 126 -10.88 -7.48 -0.99
C ALA A 126 -10.53 -8.96 -0.96
N VAL A 127 -11.37 -9.77 -0.30
CA VAL A 127 -11.19 -11.23 -0.27
C VAL A 127 -11.20 -11.77 -1.71
N ALA A 128 -12.21 -11.37 -2.48
CA ALA A 128 -12.30 -11.73 -3.90
C ALA A 128 -11.03 -11.36 -4.67
N ILE A 129 -10.55 -10.12 -4.48
CA ILE A 129 -9.28 -9.69 -5.11
C ILE A 129 -8.17 -10.64 -4.70
N ALA A 130 -7.92 -10.74 -3.39
CA ALA A 130 -6.86 -11.63 -2.88
C ALA A 130 -6.91 -13.05 -3.48
N GLY A 131 -8.13 -13.59 -3.54
CA GLY A 131 -8.37 -14.88 -4.20
C GLY A 131 -7.84 -14.95 -5.63
N CYS A 132 -8.13 -13.90 -6.40
CA CYS A 132 -7.66 -13.82 -7.80
C CYS A 132 -6.15 -13.96 -7.86
N TRP A 133 -5.46 -13.17 -7.04
CA TRP A 133 -4.00 -13.24 -6.98
C TRP A 133 -3.48 -14.59 -6.48
N ILE A 134 -4.10 -15.13 -5.43
CA ILE A 134 -3.69 -16.45 -4.92
C ILE A 134 -3.81 -17.50 -6.03
N LEU A 135 -5.00 -17.58 -6.64
CA LEU A 135 -5.25 -18.53 -7.73
C LEU A 135 -4.31 -18.27 -8.94
N SER A 136 -4.03 -17.00 -9.20
CA SER A 136 -3.10 -16.59 -10.26
C SER A 136 -1.68 -17.07 -10.01
N PHE A 137 -1.21 -16.90 -8.77
CA PHE A 137 0.06 -17.47 -8.35
C PHE A 137 0.04 -18.99 -8.44
N VAL A 138 -1.06 -19.62 -8.01
CA VAL A 138 -1.20 -21.08 -8.13
C VAL A 138 -1.06 -21.53 -9.60
N VAL A 139 -1.83 -20.93 -10.49
CA VAL A 139 -1.81 -21.31 -11.91
C VAL A 139 -0.47 -20.97 -12.56
N GLY A 140 0.03 -19.78 -12.31
CA GLY A 140 1.28 -19.30 -12.89
C GLY A 140 2.55 -19.98 -12.39
N LEU A 141 2.59 -20.35 -11.10
CA LEU A 141 3.76 -21.06 -10.53
C LEU A 141 3.74 -22.58 -10.74
N THR A 142 2.64 -23.14 -11.24
CA THR A 142 2.58 -24.60 -11.51
C THR A 142 3.84 -25.13 -12.24
N PRO A 143 4.25 -24.49 -13.37
CA PRO A 143 5.51 -24.86 -14.03
C PRO A 143 6.74 -24.92 -13.11
N MET A 144 6.84 -24.00 -12.15
CA MET A 144 7.91 -24.04 -11.14
C MET A 144 7.83 -25.28 -10.23
N PHE A 145 6.62 -25.80 -9.98
CA PHE A 145 6.47 -27.00 -9.15
C PHE A 145 6.95 -28.29 -9.84
N GLY A 146 7.01 -28.31 -11.17
CA GLY A 146 7.44 -29.50 -11.91
C GLY A 146 6.96 -29.68 -13.34
N TRP A 147 5.78 -29.15 -13.66
CA TRP A 147 5.18 -29.34 -14.99
C TRP A 147 5.92 -28.55 -16.08
N ASN A 148 6.99 -29.15 -16.60
CA ASN A 148 7.87 -28.50 -17.58
C ASN A 148 8.63 -29.54 -18.42
N ASN A 149 9.54 -29.10 -19.29
CA ASN A 149 10.34 -30.00 -20.14
C ASN A 149 11.72 -30.36 -19.58
N LEU A 150 11.94 -30.21 -18.28
CA LEU A 150 13.26 -30.48 -17.69
C LEU A 150 13.79 -31.85 -18.09
N SER A 151 12.97 -32.88 -17.85
CA SER A 151 13.31 -34.27 -18.21
C SER A 151 13.56 -34.45 -19.71
N ALA A 152 12.76 -33.77 -20.53
CA ALA A 152 12.94 -33.78 -21.98
C ALA A 152 14.27 -33.16 -22.41
N VAL A 153 14.67 -32.07 -21.75
CA VAL A 153 15.94 -31.40 -22.06
C VAL A 153 17.15 -32.17 -21.51
N GLU A 154 17.00 -32.74 -20.31
CA GLU A 154 18.05 -33.59 -19.71
C GLU A 154 18.42 -34.79 -20.58
N ARG A 155 17.43 -35.39 -21.23
CA ARG A 155 17.66 -36.47 -22.20
C ARG A 155 18.56 -36.01 -23.35
N ALA A 156 18.23 -34.87 -23.94
CA ALA A 156 19.01 -34.29 -25.04
C ALA A 156 20.40 -33.81 -24.58
N TRP A 157 20.49 -33.33 -23.34
CA TRP A 157 21.78 -32.89 -22.76
C TRP A 157 22.75 -34.07 -22.57
N ALA A 158 22.23 -35.17 -22.03
CA ALA A 158 22.97 -36.44 -21.89
C ALA A 158 23.25 -37.09 -23.24
N ALA A 159 22.26 -37.11 -24.13
CA ALA A 159 22.41 -37.61 -25.50
C ALA A 159 23.48 -36.85 -26.29
N ALA A 160 23.51 -35.53 -26.12
CA ALA A 160 24.62 -34.70 -26.60
C ALA A 160 25.91 -35.04 -25.84
N GLY A 161 25.78 -35.39 -24.56
CA GLY A 161 26.90 -35.85 -23.74
C GLY A 161 27.53 -34.73 -22.97
N SER A 162 26.68 -33.95 -22.29
CA SER A 162 27.12 -32.79 -21.52
C SER A 162 26.74 -32.95 -20.05
N MET A 163 27.62 -32.51 -19.16
CA MET A 163 27.46 -32.70 -17.71
C MET A 163 26.66 -31.55 -17.09
N GLY A 164 26.12 -31.80 -15.89
CA GLY A 164 25.44 -30.77 -15.10
C GLY A 164 24.09 -30.38 -15.64
N GLU A 165 23.57 -29.25 -15.15
CA GLU A 165 22.25 -28.75 -15.56
C GLU A 165 22.29 -28.28 -17.02
N PRO A 166 21.21 -28.51 -17.78
CA PRO A 166 21.12 -27.98 -19.13
C PRO A 166 21.22 -26.46 -19.24
N VAL A 167 22.27 -26.02 -19.95
CA VAL A 167 22.41 -24.65 -20.43
C VAL A 167 21.84 -24.60 -21.86
N ILE A 168 20.94 -23.65 -22.10
CA ILE A 168 20.22 -23.55 -23.37
C ILE A 168 19.90 -22.11 -23.75
N LYS A 169 19.59 -21.90 -25.03
CA LYS A 169 18.99 -20.65 -25.50
C LYS A 169 17.59 -20.58 -24.92
N CYS A 170 17.34 -19.55 -24.10
CA CYS A 170 16.09 -19.43 -23.37
C CYS A 170 14.91 -19.16 -24.30
N GLU A 171 14.10 -20.19 -24.52
CA GLU A 171 12.89 -20.11 -25.34
C GLU A 171 11.72 -20.63 -24.53
N PHE A 172 10.55 -20.01 -24.74
CA PHE A 172 9.35 -20.36 -23.99
C PHE A 172 8.95 -21.82 -24.19
N GLU A 173 8.85 -22.22 -25.46
CA GLU A 173 8.50 -23.60 -25.82
C GLU A 173 9.54 -24.66 -25.40
N LYS A 174 10.77 -24.23 -25.12
CA LYS A 174 11.83 -25.13 -24.63
C LYS A 174 11.68 -25.48 -23.15
N VAL A 175 11.17 -24.53 -22.34
CA VAL A 175 11.03 -24.75 -20.89
C VAL A 175 9.58 -24.97 -20.41
N ILE A 176 8.62 -24.24 -20.98
CA ILE A 176 7.21 -24.39 -20.61
C ILE A 176 6.56 -25.47 -21.47
N SER A 177 5.83 -26.38 -20.81
CA SER A 177 5.14 -27.47 -21.49
C SER A 177 3.92 -26.95 -22.26
N MET A 178 3.82 -27.29 -23.54
CA MET A 178 2.66 -26.89 -24.35
C MET A 178 1.37 -27.55 -23.88
N GLU A 179 1.48 -28.80 -23.40
CA GLU A 179 0.35 -29.49 -22.77
C GLU A 179 -0.24 -28.69 -21.62
N TYR A 180 0.64 -28.19 -20.75
CA TYR A 180 0.25 -27.26 -19.68
C TYR A 180 -0.47 -26.01 -20.23
N MET A 181 0.13 -25.38 -21.24
CA MET A 181 -0.43 -24.15 -21.81
C MET A 181 -1.80 -24.35 -22.46
N VAL A 182 -1.96 -25.45 -23.19
CA VAL A 182 -3.21 -25.75 -23.89
C VAL A 182 -4.26 -26.32 -22.95
N TYR A 183 -3.95 -27.45 -22.31
CA TYR A 183 -4.94 -28.17 -21.51
C TYR A 183 -5.22 -27.44 -20.19
N PHE A 184 -4.16 -27.11 -19.46
CA PHE A 184 -4.33 -26.50 -18.13
C PHE A 184 -4.66 -25.02 -18.23
N ASN A 185 -3.73 -24.22 -18.75
CA ASN A 185 -3.91 -22.77 -18.76
C ASN A 185 -5.09 -22.32 -19.67
N PHE A 186 -5.02 -22.71 -20.95
CA PHE A 186 -5.98 -22.19 -21.94
C PHE A 186 -7.38 -22.81 -21.81
N PHE A 187 -7.46 -24.15 -21.86
CA PHE A 187 -8.77 -24.84 -21.81
C PHE A 187 -9.48 -24.77 -20.45
N VAL A 188 -8.73 -24.80 -19.35
CA VAL A 188 -9.34 -24.72 -18.01
C VAL A 188 -9.39 -23.29 -17.45
N TRP A 189 -8.29 -22.55 -17.57
CA TRP A 189 -8.16 -21.26 -16.87
C TRP A 189 -8.31 -20.00 -17.74
N VAL A 190 -8.40 -20.16 -19.07
CA VAL A 190 -8.76 -19.02 -19.94
C VAL A 190 -10.16 -19.14 -20.55
N LEU A 191 -10.43 -20.18 -21.34
CA LEU A 191 -11.70 -20.23 -22.11
C LEU A 191 -13.02 -20.14 -21.29
N PRO A 192 -13.13 -20.92 -20.19
CA PRO A 192 -14.37 -20.85 -19.41
C PRO A 192 -14.65 -19.49 -18.75
N PRO A 193 -13.62 -18.85 -18.13
CA PRO A 193 -13.82 -17.46 -17.72
C PRO A 193 -14.29 -16.55 -18.85
N LEU A 194 -13.64 -16.64 -20.01
CA LEU A 194 -13.99 -15.81 -21.17
C LEU A 194 -15.44 -16.03 -21.60
N LEU A 195 -15.82 -17.29 -21.79
CA LEU A 195 -17.19 -17.60 -22.19
C LEU A 195 -18.22 -17.17 -21.13
N LEU A 196 -17.90 -17.46 -19.85
CA LEU A 196 -18.75 -17.04 -18.74
C LEU A 196 -18.95 -15.51 -18.70
N MET A 197 -17.84 -14.77 -18.86
CA MET A 197 -17.88 -13.30 -18.94
C MET A 197 -18.69 -12.81 -20.14
N VAL A 198 -18.43 -13.39 -21.31
CA VAL A 198 -19.22 -13.11 -22.53
C VAL A 198 -20.71 -13.33 -22.29
N LEU A 199 -21.07 -14.41 -21.57
CA LEU A 199 -22.48 -14.64 -21.23
C LEU A 199 -23.03 -13.58 -20.23
N ILE A 200 -22.26 -13.36 -19.16
CA ILE A 200 -22.63 -12.39 -18.12
C ILE A 200 -22.98 -11.01 -18.71
N TYR A 201 -22.13 -10.52 -19.63
CA TYR A 201 -22.36 -9.20 -20.24
C TYR A 201 -23.63 -9.17 -21.07
N LEU A 202 -23.82 -10.16 -21.96
CA LEU A 202 -25.09 -10.30 -22.70
C LEU A 202 -26.29 -10.18 -21.76
N GLU A 203 -26.24 -10.92 -20.65
CA GLU A 203 -27.28 -10.80 -19.62
C GLU A 203 -27.39 -9.37 -19.04
N VAL A 204 -26.23 -8.77 -18.74
CA VAL A 204 -26.20 -7.40 -18.19
C VAL A 204 -26.88 -6.41 -19.12
N PHE A 205 -26.58 -6.50 -20.42
CA PHE A 205 -27.22 -5.68 -21.45
C PHE A 205 -28.70 -5.99 -21.52
N TYR A 206 -29.03 -7.28 -21.64
CA TYR A 206 -30.44 -7.71 -21.69
C TYR A 206 -31.27 -7.09 -20.56
N LEU A 207 -30.77 -7.20 -19.32
CA LEU A 207 -31.49 -6.61 -18.17
C LEU A 207 -31.74 -5.09 -18.32
N ILE A 208 -30.66 -4.38 -18.64
CA ILE A 208 -30.70 -2.92 -18.73
C ILE A 208 -31.62 -2.46 -19.87
N ARG A 209 -31.49 -3.10 -21.03
CA ARG A 209 -32.36 -2.75 -22.18
C ARG A 209 -33.84 -3.00 -21.87
N LYS A 210 -34.13 -4.11 -21.19
CA LYS A 210 -35.51 -4.41 -20.76
C LYS A 210 -36.02 -3.40 -19.72
N GLN A 211 -35.18 -3.09 -18.72
CA GLN A 211 -35.56 -2.08 -17.71
C GLN A 211 -35.78 -0.67 -18.32
N LEU A 212 -34.92 -0.30 -19.27
CA LEU A 212 -35.14 0.93 -20.06
C LEU A 212 -36.44 0.85 -20.86
N ALA A 213 -36.66 -0.28 -21.52
CA ALA A 213 -37.91 -0.51 -22.28
C ALA A 213 -39.17 -0.38 -21.41
N ASP A 214 -39.12 -0.93 -20.20
CA ASP A 214 -40.27 -0.86 -19.27
C ASP A 214 -40.65 0.57 -18.86
N LEU A 215 -39.65 1.40 -18.59
CA LEU A 215 -39.90 2.82 -18.26
C LEU A 215 -40.54 3.59 -19.41
N GLU A 216 -40.04 3.38 -20.63
CA GLU A 216 -40.64 3.99 -21.82
C GLU A 216 -42.05 3.41 -22.11
N ASP A 217 -42.22 2.12 -21.81
CA ASP A 217 -43.55 1.47 -21.88
C ASP A 217 -44.53 2.15 -20.91
N ASN A 218 -44.13 2.30 -19.65
CA ASN A 218 -44.96 3.01 -18.65
C ASN A 218 -45.20 4.48 -19.01
N TRP A 219 -44.16 5.16 -19.49
CA TRP A 219 -44.25 6.56 -19.92
C TRP A 219 -45.20 6.73 -21.11
N GLU A 220 -45.09 5.84 -22.10
CA GLU A 220 -46.00 5.87 -23.26
C GLU A 220 -47.42 5.44 -22.89
N THR A 221 -47.57 4.46 -21.99
CA THR A 221 -48.88 4.07 -21.47
C THR A 221 -49.62 5.25 -20.81
N LEU A 222 -48.90 5.98 -19.97
CA LEU A 222 -49.47 7.13 -19.25
C LEU A 222 -49.90 8.27 -20.18
N ASN A 223 -49.11 8.52 -21.23
CA ASN A 223 -49.37 9.62 -22.20
C ASN A 223 -50.44 9.31 -23.25
N ASP A 224 -50.56 8.05 -23.66
CA ASP A 224 -51.66 7.63 -24.53
C ASP A 224 -53.01 7.80 -23.84
N ASN A 225 -53.13 7.22 -22.65
CA ASN A 225 -54.36 7.29 -21.85
C ASN A 225 -54.69 8.72 -21.45
N VAL A 238 -63.02 5.47 -20.07
CA VAL A 238 -62.36 6.10 -18.93
C VAL A 238 -61.82 5.05 -17.95
N LYS A 239 -62.63 4.04 -17.65
CA LYS A 239 -62.25 2.95 -16.72
C LYS A 239 -61.04 2.16 -17.24
N ASP A 240 -61.10 1.79 -18.53
CA ASP A 240 -60.00 1.10 -19.22
C ASP A 240 -58.70 1.91 -19.22
N ALA A 241 -58.80 3.24 -19.28
CA ALA A 241 -57.64 4.12 -19.13
C ALA A 241 -57.16 4.16 -17.68
N LEU A 242 -58.08 4.44 -16.76
CA LEU A 242 -57.78 4.55 -15.33
C LEU A 242 -57.15 3.28 -14.72
N THR A 243 -57.68 2.12 -15.07
CA THR A 243 -57.13 0.84 -14.58
C THR A 243 -55.69 0.60 -15.06
N LYS A 244 -55.43 0.91 -16.34
CA LYS A 244 -54.09 0.83 -16.92
C LYS A 244 -53.13 1.88 -16.32
N MET A 245 -53.65 3.10 -16.09
CA MET A 245 -52.89 4.13 -15.36
C MET A 245 -52.53 3.67 -13.93
N ARG A 246 -53.49 3.05 -13.26
CA ARG A 246 -53.28 2.49 -11.92
C ARG A 246 -52.23 1.37 -11.96
N ALA A 247 -52.46 0.38 -12.83
CA ALA A 247 -51.50 -0.71 -13.05
C ALA A 247 -50.08 -0.20 -13.38
N ALA A 248 -50.01 0.84 -14.21
CA ALA A 248 -48.74 1.52 -14.49
C ALA A 248 -48.17 2.21 -13.25
N ALA A 249 -49.04 2.80 -12.41
CA ALA A 249 -48.59 3.43 -11.16
C ALA A 249 -48.03 2.41 -10.16
N LEU A 250 -48.71 1.27 -10.03
CA LEU A 250 -48.25 0.17 -9.17
C LEU A 250 -46.92 -0.43 -9.66
N ASP A 251 -46.75 -0.53 -10.98
CA ASP A 251 -45.47 -0.93 -11.58
C ASP A 251 -44.38 0.12 -11.34
N ALA A 252 -44.75 1.39 -11.54
CA ALA A 252 -43.82 2.51 -11.33
C ALA A 252 -43.38 2.65 -9.86
N PRO A 268 -34.76 12.83 0.57
CA PRO A 268 -34.82 14.14 -0.08
C PRO A 268 -35.59 14.12 -1.40
N GLU A 269 -35.19 13.24 -2.31
CA GLU A 269 -35.88 13.05 -3.60
C GLU A 269 -37.03 12.06 -3.46
N MET A 270 -36.76 10.95 -2.77
CA MET A 270 -37.77 9.91 -2.50
C MET A 270 -39.08 10.46 -1.93
N LYS A 271 -39.00 11.51 -1.10
CA LYS A 271 -40.18 12.21 -0.57
C LYS A 271 -40.94 12.96 -1.68
N ASP A 272 -40.18 13.60 -2.58
CA ASP A 272 -40.78 14.30 -3.72
C ASP A 272 -41.39 13.35 -4.76
N PHE A 273 -40.75 12.18 -4.96
CA PHE A 273 -41.34 11.14 -5.82
C PHE A 273 -42.59 10.55 -5.16
N ARG A 274 -42.41 10.11 -3.90
CA ARG A 274 -43.52 9.63 -3.06
C ARG A 274 -44.70 10.58 -3.13
N HIS A 275 -44.44 11.87 -2.91
CA HIS A 275 -45.51 12.87 -2.83
C HIS A 275 -46.04 13.31 -4.20
N GLY A 276 -45.20 13.29 -5.23
CA GLY A 276 -45.66 13.42 -6.61
C GLY A 276 -46.65 12.32 -6.97
N PHE A 277 -46.29 11.09 -6.57
CA PHE A 277 -47.17 9.93 -6.69
C PHE A 277 -48.43 10.03 -5.80
N ASP A 278 -48.31 10.60 -4.60
CA ASP A 278 -49.49 10.92 -3.76
C ASP A 278 -50.41 11.88 -4.50
N ILE A 279 -49.87 13.00 -4.95
CA ILE A 279 -50.64 14.03 -5.69
C ILE A 279 -51.26 13.43 -6.96
N LEU A 280 -50.51 12.61 -7.68
CA LEU A 280 -51.02 11.95 -8.89
C LEU A 280 -52.13 10.94 -8.58
N VAL A 281 -51.79 9.92 -7.78
CA VAL A 281 -52.74 8.85 -7.43
C VAL A 281 -54.00 9.41 -6.76
N GLY A 282 -53.83 10.47 -5.95
CA GLY A 282 -54.97 11.23 -5.41
C GLY A 282 -55.88 11.80 -6.47
N GLN A 283 -55.28 12.37 -7.53
CA GLN A 283 -56.05 12.91 -8.67
C GLN A 283 -56.67 11.80 -9.53
N ILE A 284 -55.97 10.66 -9.63
CA ILE A 284 -56.54 9.46 -10.27
C ILE A 284 -57.74 8.93 -9.47
N ASP A 285 -57.65 8.97 -8.13
CA ASP A 285 -58.79 8.63 -7.27
C ASP A 285 -59.92 9.66 -7.38
N ASP A 286 -59.57 10.95 -7.43
CA ASP A 286 -60.57 12.02 -7.66
C ASP A 286 -61.25 11.91 -9.03
N ALA A 287 -60.51 11.44 -10.03
CA ALA A 287 -61.10 11.13 -11.35
C ALA A 287 -62.00 9.89 -11.25
N LEU A 288 -61.41 8.79 -10.77
CA LEU A 288 -62.11 7.50 -10.58
C LEU A 288 -63.45 7.67 -9.83
N LYS A 289 -63.42 8.48 -8.77
CA LYS A 289 -64.64 8.88 -8.02
C LYS A 289 -65.82 9.26 -8.92
N LEU A 290 -65.54 9.93 -10.05
CA LEU A 290 -66.58 10.26 -11.04
C LEU A 290 -67.04 9.03 -11.80
N ALA A 291 -66.09 8.19 -12.25
CA ALA A 291 -66.38 7.02 -13.09
C ALA A 291 -67.38 6.02 -12.49
N ASN A 292 -67.45 5.97 -11.16
CA ASN A 292 -68.47 5.18 -10.46
C ASN A 292 -69.88 5.73 -10.69
N GLU A 293 -70.00 7.06 -10.70
CA GLU A 293 -71.28 7.72 -11.02
C GLU A 293 -71.56 7.65 -12.52
N GLY A 294 -70.58 8.05 -13.33
CA GLY A 294 -70.66 8.02 -14.78
C GLY A 294 -70.86 9.41 -15.37
N LYS A 295 -69.84 10.26 -15.20
CA LYS A 295 -69.84 11.63 -15.73
C LYS A 295 -68.50 11.96 -16.36
N VAL A 296 -68.49 12.04 -17.69
CA VAL A 296 -67.26 12.25 -18.48
C VAL A 296 -66.80 13.70 -18.39
N LYS A 297 -67.72 14.64 -18.60
CA LYS A 297 -67.43 16.09 -18.66
C LYS A 297 -66.44 16.51 -17.55
N GLU A 298 -66.82 16.23 -16.31
CA GLU A 298 -66.01 16.57 -15.13
C GLU A 298 -64.64 15.88 -15.15
N ALA A 299 -64.60 14.62 -15.60
CA ALA A 299 -63.34 13.85 -15.69
C ALA A 299 -62.25 14.54 -16.52
N GLN A 300 -62.65 15.39 -17.48
CA GLN A 300 -61.70 16.20 -18.24
C GLN A 300 -60.99 17.26 -17.38
N ALA A 301 -61.66 17.73 -16.31
CA ALA A 301 -61.03 18.65 -15.35
C ALA A 301 -59.87 17.99 -14.58
N ALA A 302 -60.04 16.71 -14.24
CA ALA A 302 -58.97 15.92 -13.61
C ALA A 302 -57.81 15.65 -14.58
N ALA A 303 -58.15 15.33 -15.84
CA ALA A 303 -57.16 15.08 -16.89
C ALA A 303 -56.17 16.24 -17.10
N GLU A 304 -56.69 17.47 -17.09
CA GLU A 304 -55.85 18.67 -17.17
C GLU A 304 -54.89 18.83 -15.98
N GLN A 305 -55.37 18.46 -14.80
CA GLN A 305 -54.57 18.52 -13.57
C GLN A 305 -53.50 17.40 -13.54
N LEU A 306 -53.89 16.21 -14.00
CA LEU A 306 -52.94 15.07 -14.13
C LEU A 306 -51.76 15.39 -15.05
N LYS A 307 -52.01 16.10 -16.15
CA LYS A 307 -50.94 16.60 -17.03
C LYS A 307 -50.02 17.61 -16.35
N THR A 308 -50.58 18.47 -15.50
CA THR A 308 -49.81 19.39 -14.67
C THR A 308 -48.95 18.64 -13.66
N THR A 309 -49.56 17.66 -12.97
CA THR A 309 -48.83 16.79 -12.04
C THR A 309 -47.70 16.01 -12.73
N ARG A 310 -48.00 15.44 -13.90
CA ARG A 310 -47.03 14.71 -14.72
C ARG A 310 -45.79 15.56 -15.00
N ASN A 311 -46.02 16.73 -15.60
CA ASN A 311 -44.94 17.67 -15.96
C ASN A 311 -44.27 18.28 -14.72
N ALA A 312 -45.01 18.44 -13.63
CA ALA A 312 -44.45 18.94 -12.38
C ALA A 312 -43.50 17.94 -11.72
N TYR A 313 -43.97 16.72 -11.50
CA TYR A 313 -43.23 15.70 -10.74
C TYR A 313 -42.65 14.54 -11.56
N ILE A 314 -43.45 13.96 -12.45
CA ILE A 314 -43.14 12.63 -13.01
C ILE A 314 -41.95 12.63 -13.99
N GLN A 315 -41.78 13.72 -14.73
CA GLN A 315 -40.60 13.88 -15.62
C GLN A 315 -39.26 13.65 -14.91
N LYS A 316 -39.15 14.11 -13.67
CA LYS A 316 -37.93 13.96 -12.87
C LYS A 316 -37.55 12.47 -12.69
N TYR A 317 -38.51 11.67 -12.22
CA TYR A 317 -38.30 10.24 -12.00
C TYR A 317 -37.88 9.55 -13.31
N LEU A 318 -38.65 9.82 -14.37
CA LEU A 318 -38.35 9.29 -15.70
C LEU A 318 -36.93 9.65 -16.16
N GLU A 319 -36.62 10.95 -16.15
CA GLU A 319 -35.32 11.45 -16.60
C GLU A 319 -34.15 10.91 -15.76
N ARG A 320 -34.31 10.91 -14.43
CA ARG A 320 -33.27 10.41 -13.53
C ARG A 320 -33.07 8.88 -13.68
N ALA A 321 -34.19 8.15 -13.79
CA ALA A 321 -34.13 6.71 -14.08
C ALA A 321 -33.43 6.43 -15.42
N ARG A 322 -33.86 7.17 -16.45
CA ARG A 322 -33.21 7.14 -17.77
C ARG A 322 -31.71 7.35 -17.62
N SER A 323 -31.32 8.47 -17.00
CA SER A 323 -29.90 8.81 -16.86
C SER A 323 -29.12 7.75 -16.09
N THR A 324 -29.63 7.33 -14.94
CA THR A 324 -28.94 6.32 -14.11
C THR A 324 -28.86 4.94 -14.77
N LEU A 325 -29.93 4.54 -15.48
CA LEU A 325 -29.89 3.30 -16.28
C LEU A 325 -28.92 3.39 -17.47
N GLN A 326 -28.99 4.50 -18.19
CA GLN A 326 -28.07 4.75 -19.32
C GLN A 326 -26.62 4.88 -18.88
N LYS A 327 -26.38 5.36 -17.66
CA LYS A 327 -25.03 5.34 -17.07
C LYS A 327 -24.55 3.92 -16.80
N GLU A 328 -25.43 3.07 -16.27
CA GLU A 328 -25.15 1.62 -16.15
C GLU A 328 -24.84 0.98 -17.51
N LEU A 329 -25.63 1.35 -18.52
CA LEU A 329 -25.38 0.90 -19.89
C LEU A 329 -24.03 1.39 -20.43
N LYS A 330 -23.72 2.67 -20.20
CA LYS A 330 -22.50 3.30 -20.73
C LYS A 330 -21.23 2.62 -20.23
N ILE A 331 -21.17 2.31 -18.94
CA ILE A 331 -19.97 1.66 -18.35
C ILE A 331 -19.84 0.23 -18.88
N ALA A 332 -20.95 -0.51 -18.82
CA ALA A 332 -21.01 -1.90 -19.31
C ALA A 332 -20.35 -2.09 -20.68
N LYS A 333 -20.65 -1.19 -21.61
CA LYS A 333 -20.03 -1.21 -22.94
C LYS A 333 -18.52 -1.02 -22.87
N SER A 334 -18.07 -0.05 -22.07
CA SER A 334 -16.64 0.21 -21.88
C SER A 334 -15.94 -1.03 -21.31
N LEU A 335 -16.52 -1.59 -20.26
CA LEU A 335 -15.97 -2.80 -19.64
C LEU A 335 -16.00 -4.02 -20.57
N ALA A 336 -17.04 -4.10 -21.40
CA ALA A 336 -17.12 -5.14 -22.43
C ALA A 336 -16.01 -4.97 -23.47
N LEU A 337 -15.87 -3.75 -24.00
CA LEU A 337 -14.79 -3.42 -24.95
C LEU A 337 -13.42 -3.85 -24.45
N ILE A 338 -13.16 -3.64 -23.16
CA ILE A 338 -11.93 -4.12 -22.53
C ILE A 338 -11.80 -5.65 -22.65
N LEU A 339 -12.90 -6.36 -22.39
CA LEU A 339 -12.91 -7.84 -22.55
C LEU A 339 -12.64 -8.24 -24.00
N PHE A 340 -13.34 -7.59 -24.92
CA PHE A 340 -13.14 -7.83 -26.35
C PHE A 340 -11.68 -7.60 -26.73
N LEU A 341 -11.11 -6.47 -26.30
CA LEU A 341 -9.72 -6.15 -26.58
C LEU A 341 -8.76 -7.16 -25.95
N PHE A 342 -9.04 -7.57 -24.70
CA PHE A 342 -8.26 -8.60 -24.03
C PHE A 342 -8.27 -9.90 -24.83
N ALA A 343 -9.47 -10.39 -25.15
CA ALA A 343 -9.64 -11.63 -25.92
C ALA A 343 -8.97 -11.55 -27.29
N LEU A 344 -9.18 -10.43 -27.97
CA LEU A 344 -8.61 -10.21 -29.30
C LEU A 344 -7.08 -10.15 -29.25
N SER A 345 -6.55 -9.46 -28.23
CA SER A 345 -5.09 -9.41 -28.01
C SER A 345 -4.51 -10.78 -27.66
N TRP A 346 -5.21 -11.53 -26.80
CA TRP A 346 -4.67 -12.80 -26.25
C TRP A 346 -4.90 -14.08 -27.05
N LEU A 347 -6.03 -14.18 -27.75
CA LEU A 347 -6.38 -15.44 -28.46
C LEU A 347 -5.38 -15.95 -29.51
N PRO A 348 -4.77 -15.06 -30.30
CA PRO A 348 -3.74 -15.48 -31.26
C PRO A 348 -2.59 -16.33 -30.67
N LEU A 349 -1.96 -15.82 -29.61
CA LEU A 349 -0.86 -16.53 -28.94
C LEU A 349 -1.29 -17.91 -28.39
N HIS A 350 -2.55 -18.02 -27.97
CA HIS A 350 -3.13 -19.32 -27.58
C HIS A 350 -3.32 -20.22 -28.81
N ILE A 351 -3.95 -19.69 -29.86
CA ILE A 351 -4.11 -20.46 -31.10
C ILE A 351 -2.75 -21.01 -31.56
N LEU A 352 -1.72 -20.14 -31.51
CA LEU A 352 -0.34 -20.55 -31.79
C LEU A 352 0.16 -21.69 -30.89
N ASN A 353 -0.18 -21.65 -29.60
CA ASN A 353 0.20 -22.73 -28.66
C ASN A 353 -0.54 -24.03 -28.95
N CYS A 354 -1.81 -23.92 -29.32
CA CYS A 354 -2.62 -25.08 -29.71
C CYS A 354 -2.09 -25.71 -31.00
N ILE A 355 -1.89 -24.89 -32.04
CA ILE A 355 -1.39 -25.43 -33.32
C ILE A 355 0.02 -26.01 -33.22
N THR A 356 0.88 -25.44 -32.37
CA THR A 356 2.22 -26.03 -32.12
C THR A 356 2.13 -27.38 -31.38
N LEU A 357 1.23 -27.46 -30.39
CA LEU A 357 0.98 -28.72 -29.66
C LEU A 357 0.40 -29.79 -30.58
N PHE A 358 -0.73 -29.49 -31.20
CA PHE A 358 -1.46 -30.48 -32.00
C PHE A 358 -0.76 -30.78 -33.33
N CYS A 359 -0.22 -29.73 -33.97
CA CYS A 359 0.52 -29.85 -35.22
C CYS A 359 1.98 -29.36 -35.07
N PRO A 360 2.87 -30.20 -34.53
CA PRO A 360 4.31 -29.83 -34.50
C PRO A 360 4.96 -29.80 -35.90
N SER A 361 4.36 -30.52 -36.85
CA SER A 361 4.79 -30.50 -38.25
C SER A 361 4.51 -29.16 -38.96
N CYS A 362 3.46 -28.45 -38.55
CA CYS A 362 3.07 -27.17 -39.15
C CYS A 362 4.14 -26.07 -38.99
N HIS A 363 4.41 -25.37 -40.09
CA HIS A 363 5.25 -24.17 -40.08
C HIS A 363 4.36 -22.95 -39.88
N LYS A 364 4.83 -22.01 -39.06
CA LYS A 364 4.13 -20.74 -38.81
C LYS A 364 5.10 -19.57 -38.87
N PRO A 365 4.92 -18.66 -39.87
CA PRO A 365 5.81 -17.50 -40.06
C PRO A 365 6.10 -16.68 -38.80
N SER A 366 7.33 -16.18 -38.71
CA SER A 366 7.80 -15.47 -37.53
C SER A 366 7.04 -14.17 -37.26
N ILE A 367 6.62 -13.46 -38.32
CA ILE A 367 5.89 -12.19 -38.15
C ILE A 367 4.58 -12.40 -37.39
N LEU A 368 3.88 -13.50 -37.72
CA LEU A 368 2.63 -13.85 -37.05
C LEU A 368 2.86 -14.18 -35.57
N THR A 369 3.99 -14.86 -35.28
CA THR A 369 4.41 -15.10 -33.90
C THR A 369 4.74 -13.79 -33.16
N TYR A 370 5.46 -12.90 -33.85
CA TYR A 370 5.91 -11.64 -33.27
C TYR A 370 4.77 -10.64 -33.01
N ILE A 371 3.86 -10.47 -33.97
CA ILE A 371 2.69 -9.58 -33.77
C ILE A 371 1.75 -10.08 -32.66
N ALA A 372 1.61 -11.40 -32.56
CA ALA A 372 0.86 -12.03 -31.46
C ALA A 372 1.47 -11.66 -30.11
N ILE A 373 2.79 -11.75 -30.01
CA ILE A 373 3.52 -11.40 -28.78
C ILE A 373 3.49 -9.90 -28.51
N PHE A 374 3.61 -9.07 -29.55
CA PHE A 374 3.45 -7.63 -29.40
C PHE A 374 2.05 -7.24 -28.95
N LEU A 375 1.02 -7.96 -29.44
CA LEU A 375 -0.37 -7.73 -29.01
C LEU A 375 -0.59 -7.96 -27.51
N THR A 376 0.00 -9.03 -26.98
CA THR A 376 -0.15 -9.40 -25.57
C THR A 376 0.50 -8.40 -24.62
N HIS A 377 1.73 -8.01 -24.93
CA HIS A 377 2.42 -6.97 -24.17
C HIS A 377 1.73 -5.62 -24.37
N GLY A 378 1.31 -5.35 -25.60
CA GLY A 378 0.53 -4.16 -25.94
C GLY A 378 -0.79 -4.02 -25.19
N ASN A 379 -1.46 -5.14 -24.91
CA ASN A 379 -2.70 -5.15 -24.14
C ASN A 379 -2.59 -4.42 -22.78
N SER A 380 -1.40 -4.46 -22.16
CA SER A 380 -1.13 -3.71 -20.94
C SER A 380 -1.21 -2.18 -21.09
N ALA A 381 -1.06 -1.68 -22.32
CA ALA A 381 -1.16 -0.23 -22.60
C ALA A 381 -2.60 0.27 -22.87
N MET A 382 -3.50 -0.63 -23.24
CA MET A 382 -4.82 -0.23 -23.78
C MET A 382 -5.77 0.32 -22.72
N ASN A 383 -5.91 -0.43 -21.61
CA ASN A 383 -6.88 -0.11 -20.55
C ASN A 383 -6.89 1.36 -20.11
N PRO A 384 -5.72 1.91 -19.68
CA PRO A 384 -5.63 3.34 -19.37
C PRO A 384 -6.13 4.25 -20.49
N ILE A 385 -5.81 3.91 -21.74
CA ILE A 385 -6.21 4.72 -22.89
C ILE A 385 -7.72 4.64 -23.10
N VAL A 386 -8.29 3.44 -23.07
CA VAL A 386 -9.75 3.28 -23.23
C VAL A 386 -10.53 3.90 -22.06
N TYR A 387 -10.02 3.80 -20.83
CA TYR A 387 -10.64 4.50 -19.69
C TYR A 387 -10.71 6.01 -19.93
N ALA A 388 -9.62 6.59 -20.41
CA ALA A 388 -9.54 8.03 -20.69
C ALA A 388 -10.53 8.47 -21.75
N PHE A 389 -10.62 7.71 -22.83
CA PHE A 389 -11.56 8.00 -23.91
C PHE A 389 -13.02 7.78 -23.50
N ARG A 390 -13.32 6.65 -22.87
CA ARG A 390 -14.73 6.28 -22.59
C ARG A 390 -15.26 6.71 -21.21
N ILE A 391 -14.51 6.42 -20.15
CA ILE A 391 -14.98 6.70 -18.77
C ILE A 391 -14.71 8.15 -18.37
N GLN A 392 -15.81 8.89 -18.19
CA GLN A 392 -15.82 10.32 -17.82
C GLN A 392 -15.02 10.70 -16.55
N LYS A 393 -15.13 9.88 -15.51
CA LYS A 393 -14.54 10.19 -14.20
C LYS A 393 -13.03 10.03 -14.18
N PHE A 394 -12.50 9.12 -15.01
CA PHE A 394 -11.04 8.97 -15.18
C PHE A 394 -10.45 10.13 -16.00
N ARG A 395 -11.16 10.55 -17.04
CA ARG A 395 -10.77 11.68 -17.89
C ARG A 395 -10.55 12.97 -17.07
N VAL A 396 -11.52 13.30 -16.22
CA VAL A 396 -11.46 14.49 -15.37
C VAL A 396 -10.29 14.40 -14.35
N THR A 397 -10.04 13.19 -13.85
CA THR A 397 -8.95 12.95 -12.90
C THR A 397 -7.57 13.04 -13.55
N PHE A 398 -7.37 12.31 -14.65
CA PHE A 398 -6.07 12.31 -15.36
C PHE A 398 -5.59 13.73 -15.70
N LEU A 399 -6.52 14.57 -16.18
CA LEU A 399 -6.26 16.00 -16.39
C LEU A 399 -5.80 16.68 -15.10
N LYS A 400 -6.48 16.41 -13.99
CA LYS A 400 -6.14 17.02 -12.70
C LYS A 400 -4.75 16.59 -12.22
N ILE A 401 -4.45 15.28 -12.34
CA ILE A 401 -3.13 14.75 -11.98
C ILE A 401 -2.05 15.36 -12.90
N TRP A 402 -2.34 15.40 -14.20
CA TRP A 402 -1.43 16.01 -15.18
C TRP A 402 -1.13 17.47 -14.84
N ASN A 403 -2.20 18.26 -14.69
CA ASN A 403 -2.08 19.69 -14.35
C ASN A 403 -1.38 19.92 -13.01
N ASP A 404 -1.81 19.20 -11.98
CA ASP A 404 -1.26 19.40 -10.63
C ASP A 404 0.14 18.82 -10.40
N HIS A 405 0.52 17.78 -11.16
CA HIS A 405 1.84 17.14 -10.95
C HIS A 405 2.77 17.05 -12.17
N PHE A 406 2.23 16.71 -13.35
CA PHE A 406 3.06 16.46 -14.55
C PHE A 406 2.99 17.55 -15.62
N ARG A 407 2.62 18.76 -15.23
CA ARG A 407 2.49 19.88 -16.16
C ARG A 407 3.84 20.57 -16.34
N CYS A 408 4.10 21.01 -17.58
CA CYS A 408 5.31 21.74 -17.95
C CYS A 408 4.88 22.91 -18.84
N GLN A 409 4.04 23.77 -18.26
CA GLN A 409 3.40 24.88 -19.00
C GLN A 409 4.37 25.89 -19.63
N PRO A 410 5.50 26.17 -18.95
CA PRO A 410 6.50 27.06 -19.59
C PRO A 410 7.06 26.57 -20.94
N LEU A 411 7.03 25.27 -21.22
CA LEU A 411 7.31 24.75 -22.56
C LEU A 411 6.21 25.14 -23.56
N GLU A 412 4.95 25.05 -23.14
CA GLU A 412 3.81 25.47 -23.98
C GLU A 412 3.80 26.97 -24.21
N VAL A 413 4.15 27.74 -23.17
CA VAL A 413 4.33 29.20 -23.28
C VAL A 413 5.55 29.53 -24.17
N LEU A 414 6.62 28.76 -24.00
CA LEU A 414 7.85 28.85 -24.82
C LEU A 414 7.60 28.73 -26.33
N PHE A 415 6.61 27.92 -26.72
CA PHE A 415 6.17 27.87 -28.13
C PHE A 415 5.33 29.10 -28.48
N SER B 7 22.52 -34.22 13.88
CA SER B 7 21.06 -34.47 13.70
C SER B 7 20.25 -33.65 14.69
N ALA B 8 20.26 -34.07 15.97
CA ALA B 8 19.51 -33.38 17.03
C ALA B 8 19.84 -31.89 17.16
N PHE B 9 21.11 -31.56 16.91
CA PHE B 9 21.57 -30.17 16.83
C PHE B 9 20.91 -29.43 15.66
N GLN B 10 20.85 -30.09 14.50
CA GLN B 10 20.20 -29.51 13.32
C GLN B 10 18.71 -29.30 13.56
N ALA B 11 18.08 -30.32 14.15
CA ALA B 11 16.69 -30.23 14.61
C ALA B 11 16.49 -29.11 15.61
N ALA B 12 17.43 -28.92 16.53
CA ALA B 12 17.39 -27.81 17.49
C ALA B 12 17.51 -26.44 16.81
N TYR B 13 18.47 -26.32 15.89
CA TYR B 13 18.61 -25.11 15.07
C TYR B 13 17.29 -24.80 14.33
N ILE B 14 16.81 -25.80 13.57
CA ILE B 14 15.55 -25.69 12.81
C ILE B 14 14.37 -25.31 13.73
N GLY B 15 14.28 -25.97 14.88
CA GLY B 15 13.24 -25.71 15.87
C GLY B 15 13.29 -24.31 16.47
N ILE B 16 14.49 -23.89 16.86
CA ILE B 16 14.69 -22.53 17.40
C ILE B 16 14.37 -21.47 16.33
N GLU B 17 14.87 -21.69 15.11
CA GLU B 17 14.54 -20.81 13.97
C GLU B 17 13.03 -20.73 13.73
N VAL B 18 12.41 -21.91 13.62
CA VAL B 18 10.95 -22.02 13.46
C VAL B 18 10.20 -21.31 14.60
N LEU B 19 10.67 -21.46 15.84
CA LEU B 19 10.05 -20.81 17.00
C LEU B 19 10.19 -19.29 16.93
N ILE B 20 11.41 -18.82 16.66
CA ILE B 20 11.68 -17.38 16.48
C ILE B 20 10.79 -16.80 15.37
N ALA B 21 10.73 -17.50 14.23
CA ALA B 21 9.82 -17.10 13.14
C ALA B 21 8.35 -17.11 13.57
N LEU B 22 7.95 -18.14 14.31
CA LEU B 22 6.57 -18.27 14.83
C LEU B 22 6.20 -17.18 15.86
N VAL B 23 7.18 -16.67 16.60
CA VAL B 23 6.92 -15.50 17.47
C VAL B 23 6.99 -14.18 16.67
N SER B 24 7.92 -14.10 15.71
CA SER B 24 8.13 -12.87 14.92
C SER B 24 6.96 -12.46 14.03
N VAL B 25 6.50 -13.36 13.17
CA VAL B 25 5.51 -13.03 12.12
C VAL B 25 4.17 -12.53 12.70
N PRO B 26 3.56 -13.27 13.65
CA PRO B 26 2.28 -12.81 14.20
C PRO B 26 2.37 -11.47 14.94
N GLY B 27 3.42 -11.27 15.73
CA GLY B 27 3.63 -10.03 16.48
C GLY B 27 3.64 -8.78 15.61
N ASN B 28 4.45 -8.84 14.56
CA ASN B 28 4.58 -7.70 13.63
C ASN B 28 3.36 -7.51 12.74
N VAL B 29 2.74 -8.61 12.32
CA VAL B 29 1.42 -8.54 11.65
C VAL B 29 0.41 -7.84 12.58
N LEU B 30 0.44 -8.19 13.87
CA LEU B 30 -0.41 -7.56 14.88
C LEU B 30 -0.07 -6.09 15.08
N VAL B 31 1.23 -5.75 15.04
CA VAL B 31 1.67 -4.34 15.06
C VAL B 31 1.13 -3.56 13.85
N ILE B 32 1.27 -4.14 12.66
CA ILE B 32 0.78 -3.50 11.42
C ILE B 32 -0.74 -3.36 11.45
N TRP B 33 -1.42 -4.42 11.93
CA TRP B 33 -2.88 -4.40 12.17
C TRP B 33 -3.25 -3.24 13.11
N ALA B 34 -2.58 -3.21 14.28
CA ALA B 34 -2.87 -2.23 15.33
C ALA B 34 -2.84 -0.77 14.86
N VAL B 35 -1.89 -0.44 13.99
CA VAL B 35 -1.78 0.93 13.44
C VAL B 35 -2.90 1.22 12.44
N LYS B 36 -3.25 0.23 11.62
CA LYS B 36 -4.26 0.43 10.58
C LYS B 36 -5.66 0.71 11.17
N VAL B 37 -6.04 -0.09 12.16
CA VAL B 37 -7.35 0.05 12.81
C VAL B 37 -7.46 1.30 13.70
N ASN B 38 -6.41 1.59 14.47
CA ASN B 38 -6.43 2.67 15.46
C ASN B 38 -6.02 4.02 14.84
N GLN B 39 -6.94 4.99 14.87
CA GLN B 39 -6.67 6.34 14.37
C GLN B 39 -5.77 7.17 15.30
N ALA B 40 -5.74 6.82 16.59
CA ALA B 40 -4.82 7.44 17.56
C ALA B 40 -3.34 7.19 17.27
N LEU B 41 -3.06 6.13 16.50
CA LEU B 41 -1.71 5.82 16.02
C LEU B 41 -1.49 6.26 14.55
N ARG B 42 -2.12 7.36 14.13
CA ARG B 42 -1.99 7.85 12.74
C ARG B 42 -0.98 9.00 12.70
N ASP B 43 0.23 8.70 13.18
CA ASP B 43 1.28 9.70 13.40
C ASP B 43 2.56 9.22 12.70
N ALA B 44 3.46 10.17 12.42
CA ALA B 44 4.70 9.90 11.69
C ALA B 44 5.51 8.75 12.32
N THR B 45 5.69 8.82 13.63
CA THR B 45 6.42 7.77 14.38
C THR B 45 5.89 6.37 14.08
N PHE B 46 4.57 6.22 14.12
CA PHE B 46 3.93 4.92 13.92
C PHE B 46 4.05 4.45 12.48
N CYS B 47 3.89 5.37 11.52
CA CYS B 47 4.11 5.08 10.10
C CYS B 47 5.51 4.48 9.80
N PHE B 48 6.51 4.89 10.58
CA PHE B 48 7.84 4.26 10.52
C PHE B 48 7.87 2.92 11.26
N ILE B 49 7.09 2.79 12.34
CA ILE B 49 6.96 1.52 13.07
C ILE B 49 6.29 0.44 12.21
N VAL B 50 5.38 0.84 11.32
CA VAL B 50 4.78 -0.06 10.34
C VAL B 50 5.86 -0.56 9.37
N SER B 51 6.65 0.37 8.83
CA SER B 51 7.76 0.04 7.94
C SER B 51 8.77 -0.88 8.61
N LEU B 52 9.10 -0.56 9.86
CA LEU B 52 9.99 -1.39 10.68
C LEU B 52 9.39 -2.79 10.95
N ALA B 53 8.08 -2.85 11.21
CA ALA B 53 7.38 -4.12 11.40
C ALA B 53 7.38 -4.97 10.12
N VAL B 54 7.07 -4.34 8.99
CA VAL B 54 7.10 -4.99 7.66
C VAL B 54 8.44 -5.70 7.40
N ALA B 55 9.53 -4.99 7.68
CA ALA B 55 10.88 -5.57 7.59
C ALA B 55 11.06 -6.80 8.49
N ASP B 56 10.54 -6.75 9.71
CA ASP B 56 10.62 -7.88 10.64
C ASP B 56 9.73 -9.06 10.20
N VAL B 57 8.54 -8.78 9.65
CA VAL B 57 7.69 -9.82 9.06
C VAL B 57 8.44 -10.54 7.96
N ALA B 58 9.14 -9.77 7.11
CA ALA B 58 9.93 -10.32 6.02
C ALA B 58 11.07 -11.23 6.50
N VAL B 59 11.67 -10.93 7.65
CA VAL B 59 12.73 -11.79 8.22
C VAL B 59 12.17 -13.17 8.57
N GLY B 60 11.11 -13.16 9.39
CA GLY B 60 10.42 -14.37 9.82
C GLY B 60 9.73 -15.16 8.73
N ALA B 61 9.17 -14.46 7.75
CA ALA B 61 8.47 -15.10 6.61
C ALA B 61 9.37 -15.50 5.44
N LEU B 62 10.48 -14.77 5.22
CA LEU B 62 11.41 -15.06 4.10
C LEU B 62 12.82 -15.47 4.54
N VAL B 63 13.44 -14.69 5.43
CA VAL B 63 14.86 -14.90 5.78
C VAL B 63 15.06 -16.22 6.54
N ILE B 64 14.22 -16.47 7.55
CA ILE B 64 14.37 -17.68 8.37
C ILE B 64 14.09 -18.99 7.61
N PRO B 65 13.01 -19.03 6.79
CA PRO B 65 12.79 -20.16 5.88
C PRO B 65 13.94 -20.45 4.90
N LEU B 66 14.46 -19.41 4.26
CA LEU B 66 15.62 -19.54 3.36
C LEU B 66 16.82 -20.18 4.06
N ALA B 67 17.08 -19.75 5.30
CA ALA B 67 18.17 -20.29 6.11
C ALA B 67 17.96 -21.78 6.39
N ILE B 68 16.73 -22.14 6.76
CA ILE B 68 16.37 -23.55 6.99
C ILE B 68 16.53 -24.37 5.69
N LEU B 69 15.95 -23.86 4.61
CA LEU B 69 16.06 -24.52 3.29
C LEU B 69 17.51 -24.70 2.85
N ILE B 70 18.34 -23.67 3.03
CA ILE B 70 19.78 -23.77 2.74
C ILE B 70 20.47 -24.77 3.70
N ASN B 71 20.07 -24.75 4.97
CA ASN B 71 20.63 -25.68 5.97
C ASN B 71 20.35 -27.15 5.64
N ILE B 72 19.07 -27.46 5.39
CA ILE B 72 18.67 -28.83 5.04
C ILE B 72 19.00 -29.22 3.59
N GLY B 73 19.15 -28.23 2.70
CA GLY B 73 19.37 -28.47 1.27
C GLY B 73 20.77 -28.92 0.89
N PRO B 74 21.02 -29.08 -0.44
CA PRO B 74 22.31 -29.51 -0.96
C PRO B 74 23.27 -28.34 -1.22
N GLN B 75 24.40 -28.64 -1.85
CA GLN B 75 25.29 -27.60 -2.39
C GLN B 75 24.56 -26.85 -3.49
N THR B 76 24.95 -25.58 -3.69
CA THR B 76 24.30 -24.71 -4.66
C THR B 76 25.32 -24.04 -5.57
N TYR B 77 24.85 -23.50 -6.68
CA TYR B 77 25.65 -22.60 -7.51
C TYR B 77 26.08 -21.38 -6.68
N PHE B 78 27.15 -20.72 -7.09
CA PHE B 78 27.54 -19.45 -6.44
C PHE B 78 26.40 -18.41 -6.46
N HIS B 79 25.76 -18.24 -7.61
CA HIS B 79 24.69 -17.22 -7.79
C HIS B 79 23.49 -17.45 -6.87
N THR B 80 23.11 -18.73 -6.70
CA THR B 80 21.99 -19.12 -5.85
C THR B 80 22.24 -18.71 -4.40
N CYS B 81 23.42 -19.04 -3.90
CA CYS B 81 23.83 -18.69 -2.55
C CYS B 81 24.00 -17.18 -2.41
N LEU B 82 24.58 -16.54 -3.42
CA LEU B 82 24.70 -15.08 -3.43
C LEU B 82 23.33 -14.38 -3.34
N MET B 83 22.36 -14.84 -4.13
CA MET B 83 20.99 -14.28 -4.12
C MET B 83 20.29 -14.42 -2.78
N VAL B 84 20.41 -15.61 -2.19
CA VAL B 84 19.76 -15.94 -0.91
C VAL B 84 20.38 -15.14 0.27
N ALA B 85 21.64 -14.77 0.16
CA ALA B 85 22.32 -13.98 1.20
C ALA B 85 21.84 -12.52 1.33
N CYS B 86 21.23 -11.95 0.29
CA CYS B 86 20.93 -10.50 0.24
C CYS B 86 19.67 -9.98 0.99
N PRO B 87 18.52 -10.71 0.94
CA PRO B 87 17.30 -10.23 1.62
C PRO B 87 17.50 -9.73 3.06
N VAL B 88 18.25 -10.50 3.84
CA VAL B 88 18.59 -10.10 5.22
C VAL B 88 19.39 -8.78 5.26
N LEU B 89 20.29 -8.58 4.30
CA LEU B 89 21.07 -7.34 4.18
C LEU B 89 20.18 -6.15 3.91
N ILE B 90 19.22 -6.34 2.99
CA ILE B 90 18.22 -5.31 2.69
C ILE B 90 17.38 -5.01 3.94
N LEU B 91 16.80 -6.07 4.49
CA LEU B 91 15.84 -5.92 5.57
C LEU B 91 16.46 -5.33 6.82
N THR B 92 17.66 -5.81 7.17
CA THR B 92 18.42 -5.24 8.30
C THR B 92 18.73 -3.76 8.08
N GLN B 93 19.12 -3.40 6.85
CA GLN B 93 19.38 -1.99 6.53
C GLN B 93 18.13 -1.14 6.62
N SER B 94 17.00 -1.67 6.13
CA SER B 94 15.71 -0.98 6.28
C SER B 94 15.40 -0.63 7.74
N SER B 95 15.62 -1.59 8.63
CA SER B 95 15.37 -1.38 10.07
C SER B 95 16.11 -0.17 10.64
N ILE B 96 17.40 -0.06 10.29
CA ILE B 96 18.27 0.99 10.81
C ILE B 96 17.76 2.36 10.38
N LEU B 97 17.49 2.49 9.08
CA LEU B 97 16.98 3.74 8.50
C LEU B 97 15.58 4.09 9.03
N ALA B 98 14.73 3.07 9.16
CA ALA B 98 13.42 3.21 9.81
C ALA B 98 13.54 3.74 11.23
N LEU B 99 14.48 3.17 12.01
CA LEU B 99 14.75 3.67 13.37
C LEU B 99 15.30 5.10 13.38
N LEU B 100 16.24 5.38 12.47
CA LEU B 100 16.78 6.74 12.32
C LEU B 100 15.69 7.76 11.99
N ALA B 101 14.77 7.39 11.10
CA ALA B 101 13.58 8.22 10.83
C ALA B 101 12.77 8.52 12.11
N ILE B 102 12.52 7.47 12.90
CA ILE B 102 11.83 7.60 14.19
C ILE B 102 12.58 8.54 15.13
N ALA B 103 13.90 8.37 15.22
CA ALA B 103 14.73 9.26 16.07
C ALA B 103 14.62 10.74 15.67
N VAL B 104 14.80 11.02 14.38
CA VAL B 104 14.67 12.42 13.90
C VAL B 104 13.24 12.95 14.01
N ASP B 105 12.23 12.08 13.83
CA ASP B 105 10.84 12.48 14.09
C ASP B 105 10.63 12.83 15.57
N ARG B 106 11.13 11.99 16.47
CA ARG B 106 11.14 12.30 17.91
C ARG B 106 11.88 13.60 18.23
N TYR B 107 13.02 13.82 17.57
CA TYR B 107 13.76 15.09 17.71
C TYR B 107 12.92 16.29 17.26
N LEU B 108 12.43 16.25 16.02
CA LEU B 108 11.68 17.38 15.43
C LEU B 108 10.47 17.85 16.24
N ARG B 109 9.73 16.91 16.84
CA ARG B 109 8.55 17.24 17.66
C ARG B 109 8.90 18.18 18.81
N VAL B 110 9.86 17.75 19.62
CA VAL B 110 10.35 18.55 20.74
C VAL B 110 11.19 19.77 20.30
N LYS B 111 11.90 19.66 19.19
CA LYS B 111 12.78 20.75 18.71
C LYS B 111 11.99 21.90 18.08
N ILE B 112 11.03 21.59 17.21
CA ILE B 112 10.23 22.60 16.49
C ILE B 112 8.73 22.32 16.60
N PRO B 113 8.17 22.39 17.83
CA PRO B 113 6.76 22.05 18.05
C PRO B 113 5.75 22.96 17.34
N LEU B 114 6.08 24.24 17.17
CA LEU B 114 5.20 25.19 16.50
C LEU B 114 5.07 24.92 14.99
N ARG B 115 6.21 24.62 14.35
CA ARG B 115 6.25 24.32 12.90
C ARG B 115 6.20 22.82 12.55
N TYR B 116 6.14 21.94 13.56
CA TYR B 116 6.17 20.48 13.34
C TYR B 116 5.15 20.00 12.32
N LYS B 117 3.88 20.37 12.51
CA LYS B 117 2.79 19.88 11.64
C LYS B 117 2.92 20.37 10.19
N MET B 118 3.37 21.60 10.00
CA MET B 118 3.65 22.09 8.64
C MET B 118 4.93 21.50 8.04
N VAL B 119 5.92 21.19 8.89
CA VAL B 119 7.17 20.56 8.41
C VAL B 119 6.99 19.07 8.05
N VAL B 120 6.67 18.25 9.05
CA VAL B 120 6.56 16.79 8.89
C VAL B 120 5.16 16.40 8.44
N THR B 121 4.97 16.26 7.12
CA THR B 121 3.68 15.93 6.53
C THR B 121 3.63 14.47 6.07
N PRO B 122 2.42 13.89 5.99
CA PRO B 122 2.23 12.50 5.52
C PRO B 122 3.00 12.14 4.25
N ARG B 123 2.91 13.00 3.23
CA ARG B 123 3.61 12.78 1.96
C ARG B 123 5.14 12.77 2.14
N ARG B 124 5.65 13.69 2.95
CA ARG B 124 7.08 13.73 3.25
C ARG B 124 7.52 12.51 4.05
N ALA B 125 6.70 12.10 5.02
CA ALA B 125 6.93 10.85 5.76
C ALA B 125 6.95 9.64 4.82
N ALA B 126 6.01 9.61 3.86
CA ALA B 126 5.96 8.56 2.85
C ALA B 126 7.21 8.56 1.95
N VAL B 127 7.61 9.75 1.49
CA VAL B 127 8.85 9.90 0.71
C VAL B 127 10.04 9.38 1.52
N ALA B 128 10.14 9.84 2.77
CA ALA B 128 11.17 9.37 3.70
C ALA B 128 11.17 7.85 3.83
N ILE B 129 9.99 7.27 4.04
CA ILE B 129 9.87 5.80 4.10
C ILE B 129 10.42 5.19 2.81
N ALA B 130 9.84 5.57 1.67
CA ALA B 130 10.26 5.04 0.36
C ALA B 130 11.80 5.12 0.18
N GLY B 131 12.36 6.27 0.56
CA GLY B 131 13.82 6.46 0.55
C GLY B 131 14.57 5.40 1.33
N CYS B 132 14.08 5.09 2.54
CA CYS B 132 14.70 4.06 3.38
C CYS B 132 14.78 2.74 2.63
N TRP B 133 13.65 2.33 2.07
CA TRP B 133 13.61 1.08 1.30
C TRP B 133 14.47 1.13 0.04
N ILE B 134 14.43 2.24 -0.70
CA ILE B 134 15.28 2.38 -1.90
C ILE B 134 16.76 2.21 -1.51
N LEU B 135 17.19 3.02 -0.55
CA LEU B 135 18.58 2.97 -0.07
C LEU B 135 18.93 1.59 0.51
N SER B 136 17.97 0.95 1.18
CA SER B 136 18.13 -0.42 1.71
C SER B 136 18.35 -1.44 0.61
N PHE B 137 17.53 -1.36 -0.45
CA PHE B 137 17.75 -2.19 -1.64
C PHE B 137 19.11 -1.87 -2.28
N VAL B 138 19.47 -0.60 -2.36
CA VAL B 138 20.79 -0.22 -2.89
C VAL B 138 21.93 -0.86 -2.09
N VAL B 139 21.90 -0.71 -0.77
CA VAL B 139 22.96 -1.25 0.11
C VAL B 139 22.95 -2.78 0.10
N GLY B 140 21.77 -3.36 0.24
CA GLY B 140 21.61 -4.81 0.28
C GLY B 140 21.89 -5.55 -1.02
N LEU B 141 21.55 -4.95 -2.17
CA LEU B 141 21.82 -5.56 -3.48
C LEU B 141 23.23 -5.31 -4.03
N THR B 142 24.02 -4.45 -3.38
CA THR B 142 25.41 -4.19 -3.82
C THR B 142 26.20 -5.49 -4.15
N PRO B 143 26.20 -6.48 -3.22
CA PRO B 143 26.79 -7.79 -3.53
C PRO B 143 26.34 -8.43 -4.85
N MET B 144 25.05 -8.29 -5.19
CA MET B 144 24.54 -8.75 -6.50
C MET B 144 25.15 -8.00 -7.68
N PHE B 145 25.53 -6.73 -7.49
CA PHE B 145 26.15 -5.96 -8.58
C PHE B 145 27.58 -6.40 -8.91
N GLY B 146 28.27 -7.06 -7.97
CA GLY B 146 29.64 -7.52 -8.21
C GLY B 146 30.55 -7.71 -7.00
N TRP B 147 30.31 -6.95 -5.93
CA TRP B 147 31.17 -6.98 -4.75
C TRP B 147 30.99 -8.28 -3.94
N ASN B 148 31.72 -9.32 -4.36
CA ASN B 148 31.62 -10.66 -3.77
C ASN B 148 32.90 -11.47 -4.01
N ASN B 149 32.91 -12.74 -3.61
CA ASN B 149 34.08 -13.63 -3.79
C ASN B 149 34.04 -14.50 -5.06
N LEU B 150 33.22 -14.15 -6.05
CA LEU B 150 33.08 -14.97 -7.26
C LEU B 150 34.44 -15.30 -7.88
N SER B 151 35.24 -14.25 -8.13
CA SER B 151 36.59 -14.41 -8.69
C SER B 151 37.50 -15.25 -7.81
N ALA B 152 37.39 -15.07 -6.49
CA ALA B 152 38.15 -15.87 -5.52
C ALA B 152 37.75 -17.35 -5.56
N VAL B 153 36.46 -17.63 -5.73
CA VAL B 153 35.99 -19.03 -5.81
C VAL B 153 36.30 -19.67 -7.17
N GLU B 154 36.18 -18.88 -8.25
CA GLU B 154 36.54 -19.34 -9.60
C GLU B 154 37.99 -19.80 -9.72
N ARG B 155 38.90 -19.09 -9.05
CA ARG B 155 40.31 -19.49 -8.96
C ARG B 155 40.46 -20.87 -8.35
N ALA B 156 39.82 -21.09 -7.20
CA ALA B 156 39.84 -22.39 -6.52
C ALA B 156 39.13 -23.49 -7.30
N TRP B 157 38.06 -23.14 -8.03
CA TRP B 157 37.32 -24.09 -8.87
C TRP B 157 38.18 -24.59 -10.05
N ALA B 158 38.86 -23.65 -10.70
CA ALA B 158 39.82 -23.96 -11.78
C ALA B 158 41.06 -24.68 -11.24
N ALA B 159 41.60 -24.20 -10.12
CA ALA B 159 42.74 -24.84 -9.43
C ALA B 159 42.43 -26.28 -9.03
N ALA B 160 41.22 -26.50 -8.52
CA ALA B 160 40.70 -27.87 -8.31
C ALA B 160 40.51 -28.58 -9.66
N GLY B 161 40.15 -27.82 -10.69
CA GLY B 161 40.06 -28.34 -12.06
C GLY B 161 38.66 -28.79 -12.39
N SER B 162 37.70 -27.92 -12.11
CA SER B 162 36.28 -28.21 -12.32
C SER B 162 35.68 -27.18 -13.29
N MET B 163 34.78 -27.67 -14.16
CA MET B 163 34.20 -26.86 -15.22
C MET B 163 32.95 -26.12 -14.76
N GLY B 164 32.59 -25.07 -15.49
CA GLY B 164 31.34 -24.35 -15.26
C GLY B 164 31.36 -23.48 -14.02
N GLU B 165 30.18 -23.05 -13.59
CA GLU B 165 30.03 -22.18 -12.42
C GLU B 165 30.37 -22.96 -11.15
N PRO B 166 31.01 -22.30 -10.16
CA PRO B 166 31.26 -22.94 -8.88
C PRO B 166 29.99 -23.41 -8.13
N VAL B 167 29.93 -24.72 -7.92
CA VAL B 167 28.98 -25.35 -7.00
C VAL B 167 29.68 -25.50 -5.66
N ILE B 168 29.02 -25.03 -4.59
CA ILE B 168 29.61 -24.98 -3.25
C ILE B 168 28.58 -25.18 -2.15
N LYS B 169 29.06 -25.54 -0.96
CA LYS B 169 28.24 -25.49 0.25
C LYS B 169 27.96 -24.02 0.54
N CYS B 170 26.67 -23.66 0.54
CA CYS B 170 26.27 -22.27 0.68
C CYS B 170 26.57 -21.73 2.08
N GLU B 171 27.61 -20.91 2.16
CA GLU B 171 28.02 -20.24 3.39
C GLU B 171 28.12 -18.75 3.11
N PHE B 172 27.76 -17.95 4.12
CA PHE B 172 27.75 -16.49 3.99
C PHE B 172 29.14 -15.95 3.67
N GLU B 173 30.13 -16.34 4.47
CA GLU B 173 31.51 -15.91 4.28
C GLU B 173 32.16 -16.41 2.97
N LYS B 174 31.59 -17.45 2.35
CA LYS B 174 32.06 -17.95 1.06
C LYS B 174 31.63 -17.09 -0.13
N VAL B 175 30.45 -16.48 -0.05
CA VAL B 175 29.89 -15.66 -1.15
C VAL B 175 29.93 -14.15 -0.89
N ILE B 176 29.63 -13.73 0.34
CA ILE B 176 29.64 -12.30 0.69
C ILE B 176 31.05 -11.90 1.13
N SER B 177 31.54 -10.78 0.60
CA SER B 177 32.86 -10.25 0.94
C SER B 177 32.84 -9.65 2.34
N MET B 178 33.79 -10.06 3.19
CA MET B 178 33.92 -9.49 4.54
C MET B 178 34.32 -8.01 4.50
N GLU B 179 35.14 -7.64 3.53
CA GLU B 179 35.49 -6.23 3.27
C GLU B 179 34.24 -5.37 3.07
N TYR B 180 33.31 -5.86 2.24
CA TYR B 180 31.99 -5.25 2.07
C TYR B 180 31.25 -5.12 3.41
N MET B 181 31.18 -6.22 4.16
CA MET B 181 30.44 -6.24 5.42
C MET B 181 31.00 -5.29 6.48
N VAL B 182 32.34 -5.24 6.58
CA VAL B 182 33.02 -4.40 7.57
C VAL B 182 33.08 -2.94 7.10
N TYR B 183 33.70 -2.71 5.95
CA TYR B 183 33.96 -1.32 5.49
C TYR B 183 32.68 -0.65 4.98
N PHE B 184 31.96 -1.32 4.09
CA PHE B 184 30.78 -0.72 3.48
C PHE B 184 29.56 -0.79 4.41
N ASN B 185 29.10 -2.00 4.71
CA ASN B 185 27.86 -2.16 5.49
C ASN B 185 28.01 -1.64 6.94
N PHE B 186 28.99 -2.16 7.68
CA PHE B 186 29.11 -1.87 9.10
C PHE B 186 29.64 -0.46 9.40
N PHE B 187 30.80 -0.13 8.84
CA PHE B 187 31.44 1.19 9.11
C PHE B 187 30.73 2.38 8.46
N VAL B 188 30.13 2.22 7.27
CA VAL B 188 29.41 3.32 6.62
C VAL B 188 27.90 3.30 6.90
N TRP B 189 27.27 2.13 6.82
CA TRP B 189 25.80 2.04 6.85
C TRP B 189 25.18 1.52 8.15
N VAL B 190 26.00 1.06 9.10
CA VAL B 190 25.49 0.74 10.45
C VAL B 190 25.98 1.73 11.52
N LEU B 191 27.28 1.84 11.75
CA LEU B 191 27.78 2.62 12.91
C LEU B 191 27.35 4.10 12.97
N PRO B 192 27.48 4.84 11.84
CA PRO B 192 27.08 6.26 11.89
C PRO B 192 25.60 6.50 12.17
N PRO B 193 24.67 5.75 11.51
CA PRO B 193 23.28 5.82 11.96
C PRO B 193 23.09 5.54 13.44
N LEU B 194 23.73 4.48 13.95
CA LEU B 194 23.61 4.11 15.37
C LEU B 194 24.09 5.22 16.29
N LEU B 195 25.31 5.72 16.02
CA LEU B 195 25.86 6.81 16.83
C LEU B 195 25.02 8.08 16.73
N LEU B 196 24.61 8.43 15.51
CA LEU B 196 23.73 9.58 15.27
C LEU B 196 22.41 9.46 16.04
N MET B 197 21.79 8.29 15.98
CA MET B 197 20.56 8.00 16.74
C MET B 197 20.79 8.08 18.25
N VAL B 198 21.86 7.45 18.72
CA VAL B 198 22.28 7.54 20.13
C VAL B 198 22.45 9.00 20.56
N LEU B 199 23.03 9.83 19.70
CA LEU B 199 23.15 11.27 20.00
C LEU B 199 21.79 11.98 19.98
N ILE B 200 21.00 11.73 18.94
CA ILE B 200 19.67 12.33 18.80
C ILE B 200 18.80 12.10 20.04
N TYR B 201 18.79 10.88 20.56
CA TYR B 201 17.99 10.58 21.76
C TYR B 201 18.48 11.33 22.99
N LEU B 202 19.77 11.29 23.26
CA LEU B 202 20.37 12.12 24.33
C LEU B 202 19.90 13.57 24.22
N GLU B 203 19.98 14.12 23.01
CA GLU B 203 19.44 15.47 22.75
C GLU B 203 17.93 15.57 23.04
N VAL B 204 17.15 14.56 22.61
CA VAL B 204 15.69 14.54 22.84
C VAL B 204 15.38 14.58 24.34
N PHE B 205 16.10 13.78 25.12
CA PHE B 205 15.96 13.78 26.58
C PHE B 205 16.38 15.15 27.15
N TYR B 206 17.58 15.60 26.75
CA TYR B 206 18.09 16.91 27.17
C TYR B 206 17.07 18.04 26.96
N LEU B 207 16.49 18.10 25.76
CA LEU B 207 15.46 19.13 25.46
C LEU B 207 14.26 19.04 26.39
N ILE B 208 13.72 17.83 26.56
CA ILE B 208 12.51 17.61 27.38
C ILE B 208 12.79 17.95 28.84
N ARG B 209 13.92 17.47 29.38
CA ARG B 209 14.27 17.78 30.77
C ARG B 209 14.45 19.30 31.00
N LYS B 210 15.08 19.97 30.04
CA LYS B 210 15.22 21.44 30.09
C LYS B 210 13.87 22.16 29.99
N GLN B 211 13.02 21.73 29.05
CA GLN B 211 11.67 22.31 28.91
C GLN B 211 10.81 22.08 30.16
N LEU B 212 10.90 20.89 30.74
CA LEU B 212 10.27 20.62 32.06
C LEU B 212 10.85 21.55 33.13
N ALA B 213 12.18 21.67 33.18
CA ALA B 213 12.85 22.56 34.13
C ALA B 213 12.40 24.02 34.00
N ASP B 214 12.25 24.50 32.76
CA ASP B 214 11.81 25.88 32.49
C ASP B 214 10.40 26.19 33.00
N LEU B 215 9.47 25.25 32.83
CA LEU B 215 8.10 25.41 33.36
C LEU B 215 8.08 25.50 34.89
N GLU B 216 8.84 24.63 35.55
CA GLU B 216 8.98 24.69 37.02
C GLU B 216 9.72 25.96 37.47
N ASP B 217 10.70 26.40 36.67
CA ASP B 217 11.39 27.67 36.90
C ASP B 217 10.39 28.86 36.84
N ASN B 218 9.60 28.91 35.77
CA ASN B 218 8.55 29.95 35.63
C ASN B 218 7.48 29.86 36.72
N TRP B 219 7.06 28.64 37.04
CA TRP B 219 6.07 28.38 38.10
C TRP B 219 6.58 28.82 39.47
N GLU B 220 7.85 28.48 39.78
CA GLU B 220 8.46 28.91 41.04
C GLU B 220 8.75 30.41 41.07
N THR B 221 9.16 30.98 39.94
CA THR B 221 9.34 32.44 39.81
C THR B 221 8.05 33.20 40.14
N LEU B 222 6.94 32.74 39.57
CA LEU B 222 5.63 33.38 39.78
C LEU B 222 5.15 33.32 41.23
N ASN B 223 5.40 32.21 41.92
CA ASN B 223 5.09 32.09 43.35
C ASN B 223 6.07 32.87 44.24
N ASP B 224 7.37 32.77 43.95
CA ASP B 224 8.42 33.46 44.72
C ASP B 224 8.23 34.99 44.78
N ASN B 225 7.88 35.60 43.65
CA ASN B 225 7.69 37.06 43.58
C ASN B 225 6.39 37.55 44.24
N LEU B 226 5.39 36.68 44.39
CA LEU B 226 4.20 37.00 45.20
C LEU B 226 4.53 37.18 46.70
N LYS B 227 5.55 36.48 47.18
CA LYS B 227 6.06 36.68 48.54
C LYS B 227 6.80 38.03 48.66
N VAL B 228 7.53 38.39 47.60
CA VAL B 228 8.23 39.68 47.52
C VAL B 228 7.23 40.84 47.46
N ILE B 229 6.19 40.71 46.62
CA ILE B 229 5.15 41.75 46.53
C ILE B 229 4.36 41.91 47.83
N GLU B 230 3.97 40.79 48.45
CA GLU B 230 3.19 40.82 49.70
C GLU B 230 3.95 41.38 50.91
N LYS B 231 5.28 41.26 50.92
CA LYS B 231 6.12 41.79 51.99
C LYS B 231 7.24 42.67 51.42
N ALA B 232 6.82 43.77 50.77
CA ALA B 232 7.73 44.77 50.20
C ALA B 232 7.56 46.12 50.89
N ASP B 233 8.67 46.82 51.13
CA ASP B 233 8.64 48.13 51.78
C ASP B 233 8.40 49.23 50.75
N ASN B 234 9.26 49.28 49.73
CA ASN B 234 9.24 50.33 48.70
C ASN B 234 8.69 49.81 47.36
N ALA B 235 7.97 50.69 46.66
CA ALA B 235 7.39 50.40 45.34
C ALA B 235 8.40 49.84 44.32
N ALA B 236 9.66 50.28 44.43
CA ALA B 236 10.77 49.73 43.63
C ALA B 236 10.97 48.21 43.81
N GLN B 237 10.72 47.70 45.01
CA GLN B 237 10.78 46.25 45.26
C GLN B 237 9.61 45.52 44.58
N VAL B 238 8.44 46.14 44.62
CA VAL B 238 7.22 45.61 44.00
C VAL B 238 7.34 45.62 42.46
N LYS B 239 7.85 46.71 41.90
CA LYS B 239 8.05 46.85 40.44
C LYS B 239 9.02 45.80 39.88
N ASP B 240 10.16 45.64 40.57
CA ASP B 240 11.17 44.62 40.23
C ASP B 240 10.61 43.19 40.30
N ALA B 241 9.67 42.94 41.20
CA ALA B 241 8.95 41.65 41.25
C ALA B 241 7.95 41.54 40.10
N LEU B 242 7.10 42.56 39.94
CA LEU B 242 6.06 42.58 38.90
C LEU B 242 6.60 42.46 37.48
N THR B 243 7.68 43.17 37.17
CA THR B 243 8.31 43.10 35.84
C THR B 243 8.87 41.70 35.53
N LYS B 244 9.49 41.08 36.52
CA LYS B 244 9.99 39.70 36.41
C LYS B 244 8.84 38.68 36.31
N MET B 245 7.77 38.90 37.10
CA MET B 245 6.54 38.10 36.96
C MET B 245 5.93 38.22 35.57
N ARG B 246 5.91 39.44 35.04
CA ARG B 246 5.42 39.70 33.68
C ARG B 246 6.30 38.98 32.65
N ALA B 247 7.60 39.24 32.71
CA ALA B 247 8.58 38.56 31.84
C ALA B 247 8.46 37.04 31.90
N ALA B 248 8.26 36.50 33.12
CA ALA B 248 7.98 35.08 33.31
C ALA B 248 6.65 34.65 32.68
N ALA B 249 5.64 35.51 32.77
CA ALA B 249 4.33 35.24 32.14
C ALA B 249 4.40 35.20 30.61
N LEU B 250 5.15 36.16 30.03
CA LEU B 250 5.38 36.19 28.57
C LEU B 250 6.19 34.99 28.08
N ASP B 251 7.16 34.54 28.89
CA ASP B 251 7.89 33.29 28.62
C ASP B 251 6.98 32.07 28.74
N ALA B 252 6.17 32.05 29.81
CA ALA B 252 5.25 30.94 30.06
C ALA B 252 4.16 30.84 29.01
N GLN B 253 3.73 31.97 28.46
CA GLN B 253 2.74 31.97 27.37
C GLN B 253 3.23 31.29 26.09
N LYS B 254 4.53 31.38 25.81
CA LYS B 254 5.11 30.77 24.60
C LYS B 254 5.11 29.22 24.65
N ARG B 274 -3.75 31.13 26.90
CA ARG B 274 -3.59 32.44 26.28
C ARG B 274 -4.36 33.51 27.06
N HIS B 275 -5.64 33.24 27.30
CA HIS B 275 -6.52 34.21 27.96
C HIS B 275 -6.33 34.27 29.49
N GLY B 276 -5.95 33.15 30.11
CA GLY B 276 -5.50 33.16 31.50
C GLY B 276 -4.27 34.05 31.65
N PHE B 277 -3.34 33.93 30.71
CA PHE B 277 -2.17 34.82 30.62
C PHE B 277 -2.54 36.27 30.28
N ASP B 278 -3.57 36.48 29.44
CA ASP B 278 -4.13 37.83 29.21
C ASP B 278 -4.64 38.42 30.55
N ILE B 279 -5.52 37.68 31.22
CA ILE B 279 -6.09 38.10 32.51
C ILE B 279 -5.00 38.32 33.57
N LEU B 280 -3.99 37.45 33.59
CA LEU B 280 -2.85 37.60 34.52
C LEU B 280 -2.00 38.83 34.19
N VAL B 281 -1.44 38.85 32.98
CA VAL B 281 -0.57 39.97 32.54
C VAL B 281 -1.31 41.32 32.63
N GLY B 282 -2.60 41.32 32.33
CA GLY B 282 -3.46 42.49 32.57
C GLY B 282 -3.47 42.96 34.03
N GLN B 283 -3.57 41.99 34.95
CA GLN B 283 -3.51 42.29 36.39
C GLN B 283 -2.11 42.70 36.86
N ILE B 284 -1.08 42.12 36.24
CA ILE B 284 0.31 42.57 36.45
C ILE B 284 0.51 44.01 35.96
N ASP B 285 -0.11 44.35 34.83
CA ASP B 285 -0.12 45.75 34.34
C ASP B 285 -0.94 46.68 35.27
N ASP B 286 -2.10 46.20 35.72
CA ASP B 286 -2.91 46.94 36.72
C ASP B 286 -2.19 47.14 38.05
N ALA B 287 -1.36 46.16 38.45
CA ALA B 287 -0.47 46.32 39.61
C ALA B 287 0.64 47.32 39.31
N LEU B 288 1.38 47.06 38.23
CA LEU B 288 2.49 47.93 37.77
C LEU B 288 2.08 49.40 37.68
N LYS B 289 0.87 49.64 37.13
CA LYS B 289 0.25 50.97 37.09
C LYS B 289 0.34 51.74 38.43
N LEU B 290 0.23 51.03 39.55
CA LEU B 290 0.40 51.64 40.88
C LEU B 290 1.87 51.99 41.15
N ALA B 291 2.77 51.04 40.84
CA ALA B 291 4.21 51.18 41.14
C ALA B 291 4.88 52.42 40.56
N ASN B 292 4.35 52.93 39.44
CA ASN B 292 4.79 54.21 38.86
C ASN B 292 4.44 55.38 39.77
N GLU B 293 3.27 55.35 40.40
CA GLU B 293 2.88 56.37 41.38
C GLU B 293 3.61 56.16 42.71
N GLY B 294 3.57 54.92 43.21
CA GLY B 294 4.24 54.55 44.45
C GLY B 294 3.26 54.37 45.60
N LYS B 295 2.42 53.35 45.47
CA LYS B 295 1.50 52.94 46.54
C LYS B 295 1.53 51.42 46.68
N VAL B 296 2.09 50.94 47.79
CA VAL B 296 2.24 49.51 48.07
C VAL B 296 0.90 48.91 48.51
N LYS B 297 0.24 49.59 49.46
CA LYS B 297 -1.03 49.11 50.05
C LYS B 297 -1.97 48.54 48.99
N GLU B 298 -2.30 49.36 47.99
CA GLU B 298 -3.20 48.94 46.91
C GLU B 298 -2.67 47.75 46.11
N ALA B 299 -1.36 47.71 45.88
CA ALA B 299 -0.73 46.59 45.14
C ALA B 299 -1.00 45.21 45.76
N GLN B 300 -1.26 45.16 47.08
CA GLN B 300 -1.67 43.92 47.75
C GLN B 300 -3.06 43.43 47.28
N ALA B 301 -3.94 44.36 46.87
CA ALA B 301 -5.24 44.00 46.31
C ALA B 301 -5.12 43.27 44.97
N ALA B 302 -4.14 43.68 44.16
CA ALA B 302 -3.82 42.99 42.89
C ALA B 302 -3.20 41.61 43.15
N ALA B 303 -2.31 41.52 44.13
CA ALA B 303 -1.66 40.26 44.51
C ALA B 303 -2.65 39.15 44.88
N GLU B 304 -3.70 39.50 45.63
CA GLU B 304 -4.78 38.56 45.95
C GLU B 304 -5.54 38.08 44.71
N GLN B 305 -5.76 38.98 43.76
CA GLN B 305 -6.43 38.65 42.49
C GLN B 305 -5.55 37.79 41.58
N LEU B 306 -4.25 38.10 41.54
CA LEU B 306 -3.27 37.29 40.78
C LEU B 306 -3.21 35.83 41.25
N LYS B 307 -3.31 35.62 42.57
CA LYS B 307 -3.41 34.25 43.13
C LYS B 307 -4.70 33.53 42.71
N THR B 308 -5.81 34.28 42.63
CA THR B 308 -7.08 33.75 42.12
C THR B 308 -6.96 33.39 40.63
N THR B 309 -6.36 34.29 39.85
CA THR B 309 -6.09 34.04 38.41
C THR B 309 -5.18 32.82 38.21
N ARG B 310 -4.11 32.74 39.01
CA ARG B 310 -3.16 31.63 38.98
C ARG B 310 -3.87 30.28 39.15
N ASN B 311 -4.61 30.17 40.26
CA ASN B 311 -5.35 28.95 40.59
C ASN B 311 -6.53 28.69 39.65
N ALA B 312 -7.12 29.76 39.10
CA ALA B 312 -8.21 29.64 38.13
C ALA B 312 -7.72 29.10 36.79
N TYR B 313 -6.71 29.74 36.21
CA TYR B 313 -6.25 29.41 34.86
C TYR B 313 -4.90 28.70 34.77
N ILE B 314 -3.88 29.19 35.50
CA ILE B 314 -2.49 28.86 35.20
C ILE B 314 -2.10 27.42 35.55
N GLN B 315 -2.69 26.86 36.61
CA GLN B 315 -2.47 25.43 36.96
C GLN B 315 -2.73 24.47 35.79
N LYS B 316 -3.78 24.75 35.01
CA LYS B 316 -4.14 23.93 33.85
C LYS B 316 -3.00 23.83 32.84
N TYR B 317 -2.48 24.99 32.42
CA TYR B 317 -1.37 25.06 31.45
C TYR B 317 -0.16 24.29 31.98
N LEU B 318 0.23 24.59 33.22
CA LEU B 318 1.33 23.89 33.89
C LEU B 318 1.14 22.38 33.90
N GLU B 319 0.00 21.92 34.42
CA GLU B 319 -0.29 20.48 34.54
C GLU B 319 -0.36 19.77 33.18
N ARG B 320 -1.03 20.41 32.21
CA ARG B 320 -1.15 19.84 30.86
C ARG B 320 0.20 19.83 30.13
N ALA B 321 0.97 20.89 30.28
CA ALA B 321 2.35 20.94 29.75
C ALA B 321 3.22 19.85 30.38
N ARG B 322 3.16 19.75 31.71
CA ARG B 322 3.81 18.65 32.46
C ARG B 322 3.43 17.29 31.86
N SER B 323 2.11 17.04 31.78
CA SER B 323 1.64 15.74 31.29
C SER B 323 2.07 15.45 29.84
N THR B 324 1.88 16.44 28.96
CA THR B 324 2.25 16.27 27.54
C THR B 324 3.77 16.15 27.32
N LEU B 325 4.57 16.90 28.08
CA LEU B 325 6.04 16.74 28.06
C LEU B 325 6.48 15.37 28.61
N GLN B 326 5.91 14.97 29.74
CA GLN B 326 6.20 13.66 30.33
C GLN B 326 5.73 12.49 29.44
N LYS B 327 4.68 12.70 28.67
CA LYS B 327 4.26 11.73 27.64
C LYS B 327 5.29 11.63 26.50
N GLU B 328 5.82 12.77 26.06
CA GLU B 328 6.97 12.80 25.12
C GLU B 328 8.19 12.07 25.70
N LEU B 329 8.46 12.29 26.99
CA LEU B 329 9.53 11.57 27.68
C LEU B 329 9.28 10.05 27.74
N LYS B 330 8.04 9.67 28.05
CA LYS B 330 7.68 8.24 28.20
C LYS B 330 7.91 7.43 26.91
N ILE B 331 7.52 7.99 25.77
CA ILE B 331 7.67 7.29 24.49
C ILE B 331 9.16 7.19 24.10
N ALA B 332 9.84 8.34 24.20
CA ALA B 332 11.29 8.43 23.92
C ALA B 332 12.10 7.29 24.55
N LYS B 333 11.83 6.99 25.82
CA LYS B 333 12.49 5.86 26.50
C LYS B 333 12.18 4.52 25.83
N SER B 334 10.90 4.30 25.49
CA SER B 334 10.48 3.08 24.79
C SER B 334 11.20 2.93 23.45
N LEU B 335 11.19 4.01 22.68
CA LEU B 335 11.85 4.02 21.38
C LEU B 335 13.38 3.88 21.50
N ALA B 336 13.96 4.44 22.56
CA ALA B 336 15.38 4.25 22.86
C ALA B 336 15.70 2.79 23.18
N LEU B 337 14.90 2.20 24.09
CA LEU B 337 15.03 0.78 24.43
C LEU B 337 15.06 -0.14 23.19
N ILE B 338 14.21 0.17 22.22
CA ILE B 338 14.21 -0.54 20.94
C ILE B 338 15.58 -0.41 20.24
N LEU B 339 16.14 0.80 20.22
CA LEU B 339 17.47 1.02 19.64
C LEU B 339 18.55 0.25 20.40
N PHE B 340 18.51 0.33 21.72
CA PHE B 340 19.42 -0.43 22.57
C PHE B 340 19.35 -1.93 22.26
N LEU B 341 18.12 -2.46 22.21
CA LEU B 341 17.90 -3.87 21.90
C LEU B 341 18.40 -4.23 20.49
N PHE B 342 18.13 -3.35 19.52
CA PHE B 342 18.63 -3.54 18.15
C PHE B 342 20.16 -3.62 18.14
N ALA B 343 20.80 -2.60 18.72
CA ALA B 343 22.27 -2.53 18.78
C ALA B 343 22.87 -3.73 19.51
N LEU B 344 22.27 -4.08 20.64
CA LEU B 344 22.73 -5.20 21.45
C LEU B 344 22.57 -6.53 20.73
N SER B 345 21.43 -6.70 20.05
CA SER B 345 21.19 -7.89 19.21
C SER B 345 22.15 -7.98 18.02
N TRP B 346 22.40 -6.83 17.36
CA TRP B 346 23.16 -6.81 16.10
C TRP B 346 24.69 -6.70 16.20
N LEU B 347 25.20 -5.99 17.22
CA LEU B 347 26.66 -5.74 17.32
C LEU B 347 27.59 -6.99 17.36
N PRO B 348 27.18 -8.06 18.08
CA PRO B 348 27.97 -9.30 18.09
C PRO B 348 28.33 -9.86 16.70
N LEU B 349 27.33 -10.03 15.84
CA LEU B 349 27.54 -10.57 14.49
C LEU B 349 28.48 -9.67 13.65
N HIS B 350 28.43 -8.36 13.90
CA HIS B 350 29.38 -7.42 13.29
C HIS B 350 30.78 -7.61 13.86
N ILE B 351 30.89 -7.62 15.20
CA ILE B 351 32.20 -7.87 15.84
C ILE B 351 32.82 -9.16 15.26
N LEU B 352 32.00 -10.21 15.12
CA LEU B 352 32.43 -11.46 14.47
C LEU B 352 32.92 -11.26 13.03
N ASN B 353 32.25 -10.39 12.26
CA ASN B 353 32.69 -10.10 10.88
C ASN B 353 33.99 -9.31 10.84
N CYS B 354 34.14 -8.38 11.78
CA CYS B 354 35.38 -7.60 11.92
C CYS B 354 36.56 -8.49 12.34
N ILE B 355 36.37 -9.29 13.39
CA ILE B 355 37.45 -10.17 13.85
C ILE B 355 37.83 -11.25 12.82
N THR B 356 36.88 -11.75 12.04
CA THR B 356 37.20 -12.68 10.95
C THR B 356 37.99 -12.00 9.81
N LEU B 357 37.60 -10.77 9.47
CA LEU B 357 38.31 -9.97 8.46
C LEU B 357 39.73 -9.64 8.92
N PHE B 358 39.83 -8.97 10.07
CA PHE B 358 41.13 -8.48 10.55
C PHE B 358 42.03 -9.60 11.08
N CYS B 359 41.43 -10.57 11.78
CA CYS B 359 42.15 -11.74 12.29
C CYS B 359 41.57 -13.06 11.71
N PRO B 360 41.98 -13.42 10.47
CA PRO B 360 41.60 -14.73 9.92
C PRO B 360 42.26 -15.92 10.65
N SER B 361 43.39 -15.66 11.31
CA SER B 361 44.08 -16.65 12.14
C SER B 361 43.30 -17.02 13.42
N CYS B 362 42.54 -16.07 13.97
CA CYS B 362 41.74 -16.28 15.20
C CYS B 362 40.68 -17.37 15.04
N HIS B 363 40.61 -18.27 16.04
CA HIS B 363 39.53 -19.25 16.15
C HIS B 363 38.43 -18.66 17.01
N LYS B 364 37.18 -18.87 16.60
CA LYS B 364 36.00 -18.39 17.35
C LYS B 364 34.94 -19.49 17.40
N PRO B 365 34.63 -20.01 18.63
CA PRO B 365 33.68 -21.11 18.80
C PRO B 365 32.35 -20.95 18.07
N SER B 366 31.81 -22.07 17.59
CA SER B 366 30.55 -22.09 16.86
C SER B 366 29.35 -21.62 17.68
N ILE B 367 29.33 -21.89 19.00
CA ILE B 367 28.20 -21.47 19.84
C ILE B 367 28.06 -19.94 19.84
N LEU B 368 29.21 -19.24 19.91
CA LEU B 368 29.22 -17.77 19.87
C LEU B 368 28.72 -17.25 18.52
N THR B 369 29.09 -17.93 17.44
CA THR B 369 28.56 -17.64 16.10
C THR B 369 27.05 -17.87 16.03
N TYR B 370 26.60 -18.99 16.59
CA TYR B 370 25.19 -19.39 16.54
C TYR B 370 24.27 -18.51 17.40
N ILE B 371 24.68 -18.19 18.63
CA ILE B 371 23.87 -17.28 19.48
C ILE B 371 23.77 -15.86 18.90
N ALA B 372 24.87 -15.41 18.28
CA ALA B 372 24.88 -14.13 17.56
C ALA B 372 23.83 -14.12 16.43
N ILE B 373 23.78 -15.21 15.67
CA ILE B 373 22.81 -15.37 14.58
C ILE B 373 21.38 -15.54 15.10
N PHE B 374 21.22 -16.29 16.19
CA PHE B 374 19.91 -16.39 16.85
C PHE B 374 19.43 -15.04 17.39
N LEU B 375 20.36 -14.23 17.92
CA LEU B 375 20.01 -12.87 18.40
C LEU B 375 19.46 -11.96 17.30
N THR B 376 20.06 -12.02 16.11
CA THR B 376 19.67 -11.17 14.99
C THR B 376 18.29 -11.52 14.45
N HIS B 377 18.05 -12.82 14.25
CA HIS B 377 16.71 -13.30 13.86
C HIS B 377 15.70 -13.06 14.98
N GLY B 378 16.14 -13.28 16.22
CA GLY B 378 15.34 -12.99 17.41
C GLY B 378 14.91 -11.54 17.57
N ASN B 379 15.78 -10.62 17.15
CA ASN B 379 15.46 -9.18 17.18
C ASN B 379 14.14 -8.83 16.46
N SER B 380 13.78 -9.59 15.43
CA SER B 380 12.48 -9.42 14.76
C SER B 380 11.26 -9.74 15.64
N ALA B 381 11.45 -10.52 16.72
CA ALA B 381 10.37 -10.82 17.67
C ALA B 381 10.17 -9.77 18.78
N MET B 382 11.18 -8.96 19.06
CA MET B 382 11.21 -8.12 20.27
C MET B 382 10.25 -6.93 20.21
N ASN B 383 10.32 -6.18 19.11
CA ASN B 383 9.56 -4.93 18.94
C ASN B 383 8.06 -5.04 19.32
N PRO B 384 7.32 -5.98 18.71
CA PRO B 384 5.93 -6.22 19.13
C PRO B 384 5.77 -6.45 20.64
N ILE B 385 6.70 -7.21 21.24
CA ILE B 385 6.62 -7.51 22.68
C ILE B 385 6.89 -6.26 23.51
N VAL B 386 7.92 -5.50 23.16
CA VAL B 386 8.22 -4.23 23.89
C VAL B 386 7.12 -3.17 23.72
N TYR B 387 6.54 -3.08 22.51
CA TYR B 387 5.38 -2.19 22.30
C TYR B 387 4.23 -2.54 23.26
N ALA B 388 3.93 -3.84 23.36
CA ALA B 388 2.84 -4.32 24.22
C ALA B 388 3.08 -4.00 25.70
N PHE B 389 4.31 -4.22 26.15
CA PHE B 389 4.68 -3.91 27.54
C PHE B 389 4.72 -2.41 27.83
N ARG B 390 5.37 -1.63 26.95
CA ARG B 390 5.60 -0.20 27.24
C ARG B 390 4.54 0.77 26.68
N ILE B 391 4.17 0.62 25.41
CA ILE B 391 3.27 1.56 24.74
C ILE B 391 1.80 1.20 25.02
N GLN B 392 1.13 2.08 25.76
CA GLN B 392 -0.29 1.94 26.17
C GLN B 392 -1.30 1.71 25.05
N LYS B 393 -1.15 2.44 23.93
CA LYS B 393 -2.12 2.41 22.83
C LYS B 393 -2.07 1.12 22.02
N PHE B 394 -0.89 0.49 21.94
CA PHE B 394 -0.75 -0.82 21.32
C PHE B 394 -1.34 -1.94 22.19
N ARG B 395 -1.11 -1.85 23.50
CA ARG B 395 -1.65 -2.81 24.48
C ARG B 395 -3.17 -2.92 24.41
N VAL B 396 -3.86 -1.77 24.40
CA VAL B 396 -5.31 -1.73 24.34
C VAL B 396 -5.84 -2.28 23.00
N THR B 397 -5.09 -2.03 21.91
CA THR B 397 -5.45 -2.52 20.58
C THR B 397 -5.25 -4.04 20.45
N PHE B 398 -4.06 -4.54 20.80
CA PHE B 398 -3.75 -5.99 20.70
C PHE B 398 -4.80 -6.86 21.42
N LEU B 399 -5.20 -6.43 22.62
CA LEU B 399 -6.31 -7.05 23.34
C LEU B 399 -7.60 -7.07 22.52
N LYS B 400 -7.91 -5.92 21.90
CA LYS B 400 -9.14 -5.82 21.09
C LYS B 400 -9.09 -6.72 19.86
N ILE B 401 -7.96 -6.74 19.17
CA ILE B 401 -7.77 -7.64 18.02
C ILE B 401 -7.85 -9.10 18.47
N TRP B 402 -7.17 -9.42 19.57
CA TRP B 402 -7.21 -10.78 20.16
C TRP B 402 -8.64 -11.21 20.47
N ASN B 403 -9.33 -10.40 21.27
CA ASN B 403 -10.72 -10.66 21.67
C ASN B 403 -11.66 -10.75 20.46
N ASP B 404 -11.60 -9.76 19.56
CA ASP B 404 -12.51 -9.70 18.42
C ASP B 404 -12.21 -10.71 17.30
N HIS B 405 -10.95 -11.14 17.16
CA HIS B 405 -10.59 -12.04 16.04
C HIS B 405 -9.91 -13.37 16.45
N PHE B 406 -8.96 -13.34 17.39
CA PHE B 406 -8.16 -14.54 17.73
C PHE B 406 -8.52 -15.18 19.10
N ARG B 407 -9.74 -14.94 19.57
CA ARG B 407 -10.20 -15.49 20.84
C ARG B 407 -10.77 -16.88 20.64
N CYS B 408 -10.54 -17.76 21.61
CA CYS B 408 -11.03 -19.15 21.57
C CYS B 408 -12.52 -19.19 21.95
O4 DU1 C . 4.97 -15.71 -22.45
C3 DU1 C . 4.64 -16.45 -23.36
N1 DU1 C . 5.45 -16.63 -24.48
C14 DU1 C . 5.06 -17.49 -25.49
C22 DU1 C . 3.86 -18.17 -25.43
N4 DU1 C . 3.83 -18.90 -26.59
C15 DU1 C . 4.97 -18.63 -27.28
C16 DU1 C . 5.30 -19.23 -28.60
C21 DU1 C . 4.17 -19.11 -29.63
C20 DU1 C . 4.60 -19.60 -31.00
C19 DU1 C . 5.75 -20.60 -30.92
C18 DU1 C . 5.60 -21.50 -29.70
C17 DU1 C . 5.68 -20.70 -28.41
N3 DU1 C . 5.74 -17.78 -26.64
C23 DU1 C . 2.97 -18.06 -24.33
O3 DU1 C . 1.91 -18.64 -24.21
N DU1 C . 3.44 -17.17 -23.33
C2 DU1 C . 2.59 -17.00 -22.14
C1 DU1 C . 1.46 -16.02 -22.33
C DU1 C . 0.69 -15.83 -21.03
C4 DU1 C . 6.74 -15.91 -24.53
C5 DU1 C . 6.60 -14.48 -25.00
C6 DU1 C . 7.91 -13.71 -24.94
N2 DU1 C . 8.71 -13.87 -26.14
C7 DU1 C . 9.50 -12.89 -26.60
O2 DU1 C . 9.59 -11.80 -26.03
C8 DU1 C . 10.26 -13.15 -27.87
C13 DU1 C . 9.77 -13.98 -28.87
C12 DU1 C . 10.49 -14.18 -30.04
C11 DU1 C . 11.71 -13.55 -30.21
S DU1 C . 12.64 -13.78 -31.69
O1 DU1 C . 12.15 -14.98 -32.33
O DU1 C . 14.05 -13.79 -31.31
C10 DU1 C . 12.21 -12.71 -29.24
C9 DU1 C . 11.48 -12.52 -28.07
C1 OLA D . -7.85 -5.16 -0.90
O1 OLA D . -7.89 -5.01 0.35
O2 OLA D . -8.22 -4.28 -1.70
C2 OLA D . -7.35 -6.48 -1.45
C3 OLA D . -5.90 -6.69 -1.07
C4 OLA D . -5.32 -7.87 -1.85
C5 OLA D . -4.01 -8.35 -1.23
C6 OLA D . -3.36 -9.43 -2.07
C7 OLA D . -2.62 -10.45 -1.22
C8 OLA D . -2.15 -11.66 -2.02
C9 OLA D . -0.70 -11.50 -2.44
C10 OLA D . 0.11 -12.54 -2.64
C11 OLA D . -0.33 -13.97 -2.46
C12 OLA D . 0.77 -14.95 -2.84
C13 OLA D . 0.17 -16.34 -3.07
C14 OLA D . 1.21 -17.43 -2.86
C15 OLA D . 0.66 -18.80 -3.20
C16 OLA D . 1.78 -19.80 -3.40
C17 OLA D . 1.25 -21.19 -3.74
C18 OLA D . 0.97 -21.31 -5.22
C1 OLA E . -6.83 -2.75 -4.23
O1 OLA E . -7.48 -2.59 -5.28
O2 OLA E . -6.83 -1.90 -3.30
C2 OLA E . -6.04 -4.02 -4.04
C3 OLA E . -4.92 -4.13 -5.08
C4 OLA E . -4.23 -5.48 -4.92
C5 OLA E . -2.89 -5.54 -5.65
C6 OLA E . -2.08 -6.73 -5.13
C7 OLA E . -0.83 -6.93 -5.96
C8 OLA E . -0.10 -8.22 -5.59
C9 OLA E . 1.31 -8.15 -6.14
C10 OLA E . 1.75 -9.06 -7.01
C11 OLA E . 3.16 -8.98 -7.55
C12 OLA E . 3.13 -8.84 -9.07
C13 OLA E . 4.43 -9.31 -9.72
C14 OLA E . 4.43 -10.82 -9.97
C15 OLA E . 5.85 -11.38 -10.01
C16 OLA E . 5.84 -12.91 -10.03
C17 OLA E . 7.25 -13.48 -9.82
C18 OLA E . 7.30 -14.96 -10.15
C1 OLA F . 21.01 -0.90 -37.21
O1 OLA F . 21.28 -1.65 -36.24
O2 OLA F . 21.43 -1.12 -38.37
C2 OLA F . 20.15 0.32 -36.96
C3 OLA F . 18.74 -0.11 -36.56
C4 OLA F . 17.85 1.08 -36.26
C5 OLA F . 16.41 0.63 -35.98
C6 OLA F . 15.76 1.47 -34.90
C7 OLA F . 14.38 0.94 -34.54
C8 OLA F . 13.68 1.84 -33.53
C9 OLA F . 12.32 1.26 -33.20
C10 OLA F . 11.50 1.85 -32.31
C11 OLA F . 11.87 3.11 -31.58
C12 OLA F . 10.73 3.53 -30.66
C1 OLA G . 15.37 -10.93 -33.52
O1 OLA G . 15.30 -10.41 -32.39
O2 OLA G . 16.32 -11.67 -33.86
C2 OLA G . 14.26 -10.69 -34.54
C3 OLA G . 13.26 -9.63 -34.08
C4 OLA G . 12.14 -9.42 -35.10
C5 OLA G . 11.22 -8.29 -34.68
C6 OLA G . 10.31 -7.82 -35.82
C7 OLA G . 9.77 -6.41 -35.55
C8 OLA G . 8.85 -5.95 -36.67
C9 OLA G . 7.45 -6.50 -36.45
C10 OLA G . 6.40 -5.68 -36.38
O4 DU1 H . 23.29 -12.93 7.12
C3 DU1 H . 24.40 -12.91 7.63
N1 DU1 H . 25.07 -14.09 7.96
C14 DU1 H . 26.34 -14.02 8.54
C22 DU1 H . 26.95 -12.82 8.76
N4 DU1 H . 28.15 -13.16 9.31
C15 DU1 H . 28.21 -14.51 9.39
C16 DU1 H . 29.39 -15.25 9.94
C21 DU1 H . 29.60 -14.93 11.42
C20 DU1 H . 31.01 -15.24 11.90
C19 DU1 H . 31.70 -16.25 11.00
C18 DU1 H . 31.87 -15.69 9.60
C17 DU1 H . 30.65 -14.89 9.14
N3 DU1 H . 27.12 -15.07 8.92
C23 DU1 H . 26.35 -11.58 8.46
O3 DU1 H . 26.85 -10.49 8.65
N DU1 H . 25.05 -11.71 7.88
C2 DU1 H . 24.37 -10.46 7.51
C1 DU1 H . 23.62 -9.80 8.64
C DU1 H . 22.85 -8.60 8.12
C4 DU1 H . 24.40 -15.37 7.68
C5 DU1 H . 23.31 -15.72 8.69
C6 DU1 H . 22.54 -16.96 8.31
N2 DU1 H . 23.25 -18.17 8.73
C7 DU1 H . 22.62 -19.23 9.25
O2 DU1 H . 21.40 -19.25 9.43
C8 DU1 H . 23.46 -20.39 9.67
C13 DU1 H . 24.72 -20.19 10.25
C12 DU1 H . 25.49 -21.27 10.66
C11 DU1 H . 25.00 -22.56 10.51
S DU1 H . 25.96 -23.95 11.03
O1 DU1 H . 27.30 -23.46 11.30
O DU1 H . 25.82 -24.96 10.01
C10 DU1 H . 23.76 -22.78 9.95
C9 DU1 H . 22.99 -21.70 9.54
C1 OLA I . 3.92 4.91 2.54
O1 OLA I . 3.57 4.34 3.61
O2 OLA I . 3.17 5.73 1.95
C2 OLA I . 5.28 4.61 1.98
C3 OLA I . 5.14 4.08 0.55
C4 OLA I . 6.48 3.62 -0.02
C5 OLA I . 6.63 2.10 0.05
C6 OLA I . 7.94 1.63 -0.57
C7 OLA I . 7.79 1.38 -2.08
C8 OLA I . 9.13 1.20 -2.77
C9 OLA I . 9.74 -0.13 -2.38
C10 OLA I . 10.88 -0.58 -2.92
C11 OLA I . 11.64 0.22 -3.96
C12 OLA I . 12.88 -0.55 -4.41
C13 OLA I . 13.41 -0.02 -5.74
C14 OLA I . 14.62 -0.80 -6.22
C15 OLA I . 15.92 0.00 -6.08
C16 OLA I . 17.10 -0.78 -6.67
C17 OLA I . 18.40 0.00 -6.48
C18 OLA I . 19.37 -0.30 -7.62
C1 OLA J . 4.75 1.05 4.95
O1 OLA J . 3.62 0.54 4.92
O2 OLA J . 4.94 2.24 5.29
C2 OLA J . 5.94 0.21 4.57
C3 OLA J . 5.78 -0.38 3.18
C4 OLA J . 7.13 -0.85 2.64
C5 OLA J . 6.99 -1.88 1.52
C6 OLA J . 8.37 -2.42 1.11
C7 OLA J . 8.27 -3.66 0.20
C8 OLA J . 9.32 -4.72 0.52
C9 OLA J . 8.90 -5.49 1.76
C10 OLA J . 9.12 -6.80 1.96
C11 OLA J . 9.80 -7.72 0.97
C12 OLA J . 11.30 -7.41 0.85
C13 OLA J . 12.07 -8.68 0.51
C14 OLA J . 13.43 -8.41 -0.16
C15 OLA J . 13.63 -9.31 -1.39
C16 OLA J . 15.06 -9.25 -1.90
C17 OLA J . 15.26 -10.14 -3.12
C18 OLA J . 16.72 -10.24 -3.50
C1 OLA K . 16.29 -33.05 10.61
O1 OLA K . 17.33 -33.31 11.26
O2 OLA K . 16.31 -32.52 9.48
C2 OLA K . 14.94 -33.40 11.22
C3 OLA K . 14.61 -32.45 12.37
C4 OLA K . 13.28 -31.74 12.18
C5 OLA K . 13.09 -30.65 13.24
C6 OLA K . 11.73 -29.97 13.11
C7 OLA K . 11.33 -29.31 14.43
C8 OLA K . 10.16 -28.34 14.26
C9 OLA K . 8.88 -29.09 13.98
C10 OLA K . 7.70 -28.48 13.88
C11 OLA K . 7.56 -26.99 14.04
#